data_5LIH
#
_entry.id   5LIH
#
_cell.length_a   78.980
_cell.length_b   84.230
_cell.length_c   111.830
_cell.angle_alpha   90.00
_cell.angle_beta   90.00
_cell.angle_gamma   90.00
#
_symmetry.space_group_name_H-M   'P 21 21 21'
#
loop_
_entity.id
_entity.type
_entity.pdbx_description
1 polymer 'Protein kinase C iota type'
2 polymer 'PKC Epsilon pseudo substrate sequence'
3 non-polymer "ADENOSINE-5'-DIPHOSPHATE"
4 non-polymer 'ALUMINUM FLUORIDE'
5 non-polymer 'MANGANESE (II) ION'
6 non-polymer 'THIOCYANATE ION'
7 water water
#
loop_
_entity_poly.entity_id
_entity_poly.type
_entity_poly.pdbx_seq_one_letter_code
_entity_poly.pdbx_strand_id
1 'polypeptide(L)'
;SLGLQDFDLLRVIGRGSYAKVLLVRLKKTDRIYAMKVVKKELVNDDEDIDWVQTEKHVFEQASNHPFLVGLHSCFQTESR
LFFVIEYVNGGDLMFHMQRQRKLPEEHARFYSAEISLALNYLHERGIIYRDLKLDNVLLDSEGHIKLTDYGMCKEGLRPG
DTTS(TPO)FCGTPNYIAPEILRGEDYGFSVDWWALGVLMFEMMAGRSPFDIVGSSDNPDQNTEDYLFQVILEKQIRIPR
SLSVKAASVLKSFLNKDPKERLGCHPQTGFADIQGHPFFRNVDWDMMEQKQVVPPFKPNISGEFGLDNFDSQFTNEPVQL
(TPO)PDDDDIVRKIDQSEFEGFEYINPLLMSAEECV
;
A,B
2 'polypeptide(L)' ERMRPFKRQGSVRRRV F,G
#
# COMPACT_ATOMS: atom_id res chain seq x y z
N SER A 1 6.36 16.94 -1.98
CA SER A 1 5.29 17.27 -1.04
C SER A 1 3.93 16.87 -1.62
N LEU A 2 3.02 16.43 -0.74
CA LEU A 2 1.67 16.08 -1.17
C LEU A 2 0.82 17.33 -1.27
N GLY A 3 -0.42 17.16 -1.74
CA GLY A 3 -1.29 18.32 -1.93
C GLY A 3 -2.75 17.95 -1.89
N LEU A 4 -3.59 18.99 -1.91
CA LEU A 4 -5.04 18.80 -1.92
C LEU A 4 -5.51 18.09 -3.18
N GLN A 5 -4.78 18.25 -4.28
CA GLN A 5 -5.15 17.62 -5.53
C GLN A 5 -4.92 16.11 -5.54
N ASP A 6 -4.22 15.57 -4.53
CA ASP A 6 -3.95 14.14 -4.45
C ASP A 6 -4.89 13.40 -3.51
N PHE A 7 -5.91 14.08 -2.98
CA PHE A 7 -6.83 13.47 -2.03
C PHE A 7 -8.28 13.63 -2.48
N ASP A 8 -9.07 12.61 -2.21
CA ASP A 8 -10.50 12.62 -2.51
C ASP A 8 -11.26 13.05 -1.26
N LEU A 9 -12.13 14.05 -1.41
CA LEU A 9 -12.91 14.57 -0.28
C LEU A 9 -14.22 13.80 -0.18
N LEU A 10 -14.34 12.99 0.88
CA LEU A 10 -15.49 12.11 1.05
C LEU A 10 -16.56 12.72 1.96
N ARG A 11 -16.24 12.94 3.23
CA ARG A 11 -17.23 13.40 4.19
C ARG A 11 -16.57 14.27 5.24
N VAL A 12 -17.36 15.14 5.85
CA VAL A 12 -16.94 15.92 7.01
C VAL A 12 -17.32 15.12 8.25
N ILE A 13 -16.32 14.75 9.06
CA ILE A 13 -16.55 13.87 10.20
C ILE A 13 -16.35 14.55 11.54
N GLY A 14 -15.81 15.76 11.58
CA GLY A 14 -15.56 16.39 12.86
C GLY A 14 -15.33 17.87 12.75
N ARG A 15 -15.51 18.56 13.88
CA ARG A 15 -15.29 19.99 14.00
C ARG A 15 -14.85 20.29 15.42
N GLY A 16 -13.94 21.24 15.56
CA GLY A 16 -13.49 21.65 16.89
C GLY A 16 -13.38 23.16 17.00
N SER A 17 -12.53 23.62 17.92
CA SER A 17 -12.28 25.05 18.05
C SER A 17 -11.17 25.53 17.12
N TYR A 18 -10.32 24.62 16.64
CA TYR A 18 -9.20 24.97 15.78
C TYR A 18 -9.29 24.38 14.38
N ALA A 19 -9.91 23.21 14.20
CA ALA A 19 -9.84 22.52 12.93
C ALA A 19 -11.17 21.92 12.53
N LYS A 20 -11.28 21.61 11.24
CA LYS A 20 -12.39 20.86 10.65
C LYS A 20 -11.81 19.56 10.11
N VAL A 21 -12.34 18.43 10.55
CA VAL A 21 -11.80 17.12 10.21
C VAL A 21 -12.65 16.50 9.11
N LEU A 22 -12.01 16.05 8.04
CA LEU A 22 -12.71 15.49 6.89
C LEU A 22 -12.25 14.06 6.63
N LEU A 23 -13.18 13.23 6.18
CA LEU A 23 -12.88 11.88 5.71
C LEU A 23 -12.36 11.97 4.28
N VAL A 24 -11.14 11.49 4.05
CA VAL A 24 -10.50 11.62 2.74
C VAL A 24 -10.02 10.24 2.27
N ARG A 25 -9.64 10.20 0.99
CA ARG A 25 -9.01 9.03 0.40
C ARG A 25 -7.89 9.49 -0.52
N LEU A 26 -6.70 8.92 -0.32
CA LEU A 26 -5.62 9.14 -1.29
C LEU A 26 -6.02 8.49 -2.61
N LYS A 27 -6.07 9.31 -3.67
CA LYS A 27 -6.57 8.81 -4.95
C LYS A 27 -5.60 7.81 -5.56
N LYS A 28 -4.31 8.01 -5.35
CA LYS A 28 -3.29 7.15 -5.95
C LYS A 28 -3.37 5.72 -5.42
N THR A 29 -3.41 5.56 -4.09
CA THR A 29 -3.26 4.25 -3.46
C THR A 29 -4.53 3.74 -2.77
N ASP A 30 -5.68 4.36 -3.00
CA ASP A 30 -7.01 3.96 -2.50
C ASP A 30 -7.08 3.84 -0.97
N ARG A 31 -6.11 4.36 -0.23
CA ARG A 31 -6.14 4.25 1.23
C ARG A 31 -7.02 5.34 1.82
N ILE A 32 -7.67 5.02 2.94
CA ILE A 32 -8.62 5.91 3.60
C ILE A 32 -7.98 6.54 4.82
N TYR A 33 -8.06 7.86 4.91
CA TYR A 33 -7.44 8.60 6.01
C TYR A 33 -8.44 9.62 6.57
N ALA A 34 -7.99 10.32 7.61
CA ALA A 34 -8.66 11.52 8.11
C ALA A 34 -7.74 12.71 7.90
N MET A 35 -8.33 13.88 7.68
CA MET A 35 -7.55 15.07 7.39
C MET A 35 -7.98 16.18 8.33
N LYS A 36 -7.05 16.64 9.17
CA LYS A 36 -7.29 17.73 10.09
C LYS A 36 -6.94 19.04 9.39
N VAL A 37 -7.94 19.87 9.15
CA VAL A 37 -7.79 21.09 8.38
C VAL A 37 -7.80 22.27 9.36
N VAL A 38 -6.67 22.95 9.48
CA VAL A 38 -6.51 24.06 10.42
C VAL A 38 -6.33 25.34 9.62
N LYS A 39 -7.17 26.33 9.91
CA LYS A 39 -7.07 27.63 9.26
C LYS A 39 -5.97 28.45 9.91
N LYS A 40 -5.22 29.19 9.10
CA LYS A 40 -4.09 29.93 9.65
C LYS A 40 -4.47 31.26 10.31
N GLU A 41 -5.74 31.67 10.28
CA GLU A 41 -6.06 32.91 10.98
C GLU A 41 -6.12 32.68 12.48
N LEU A 42 -6.44 31.46 12.90
CA LEU A 42 -6.37 31.08 14.30
C LEU A 42 -4.92 30.85 14.72
N VAL A 43 -4.16 30.20 13.86
CA VAL A 43 -2.77 29.86 14.12
C VAL A 43 -1.87 31.03 13.77
N TRP A 51 4.10 25.74 18.79
CA TRP A 51 3.11 25.13 17.93
C TRP A 51 3.67 25.06 16.50
N VAL A 52 3.18 24.06 15.74
CA VAL A 52 3.57 23.75 14.35
C VAL A 52 4.87 22.97 14.38
N GLN A 53 5.81 23.40 15.21
CA GLN A 53 6.92 22.54 15.54
C GLN A 53 6.46 21.40 16.45
N THR A 54 5.65 21.73 17.48
CA THR A 54 5.18 20.73 18.42
C THR A 54 4.11 19.79 17.87
N GLU A 55 3.03 20.33 17.28
CA GLU A 55 1.97 19.42 16.84
C GLU A 55 2.42 18.48 15.73
N LYS A 56 3.27 18.94 14.83
CA LYS A 56 3.80 18.04 13.82
C LYS A 56 4.67 16.97 14.46
N HIS A 57 5.70 17.39 15.20
CA HIS A 57 6.63 16.47 15.85
C HIS A 57 5.93 15.49 16.79
N VAL A 58 4.78 15.86 17.35
CA VAL A 58 4.07 14.92 18.22
C VAL A 58 3.32 13.89 17.40
N PHE A 59 2.76 14.30 16.25
CA PHE A 59 2.16 13.34 15.34
C PHE A 59 3.19 12.35 14.82
N GLU A 60 4.45 12.80 14.69
CA GLU A 60 5.53 11.89 14.29
C GLU A 60 5.74 10.80 15.33
N GLN A 61 5.96 11.19 16.60
CA GLN A 61 6.12 10.20 17.66
C GLN A 61 4.94 9.25 17.73
N ALA A 62 3.72 9.81 17.70
CA ALA A 62 2.52 9.00 17.86
C ALA A 62 2.35 7.93 16.81
N SER A 63 3.06 8.02 15.68
CA SER A 63 2.92 7.02 14.62
C SER A 63 3.47 5.67 15.03
N ASN A 64 4.38 5.63 16.02
CA ASN A 64 4.93 4.38 16.51
C ASN A 64 4.35 4.04 17.87
N HIS A 65 3.03 3.82 17.93
CA HIS A 65 2.36 3.45 19.17
C HIS A 65 0.98 2.92 18.85
N PRO A 66 0.46 1.96 19.62
CA PRO A 66 -0.84 1.37 19.29
C PRO A 66 -2.04 2.22 19.70
N PHE A 67 -1.87 3.07 20.72
CA PHE A 67 -2.98 3.85 21.25
C PHE A 67 -2.89 5.33 20.87
N LEU A 68 -2.11 5.66 19.84
CA LEU A 68 -1.96 7.04 19.38
C LEU A 68 -2.27 7.15 17.90
N VAL A 69 -2.92 8.25 17.52
CA VAL A 69 -3.17 8.52 16.11
C VAL A 69 -1.87 8.93 15.42
N GLY A 70 -1.56 8.28 14.31
CA GLY A 70 -0.31 8.51 13.60
C GLY A 70 -0.46 9.47 12.43
N LEU A 71 0.67 10.05 12.04
CA LEU A 71 0.72 11.05 10.99
C LEU A 71 1.13 10.42 9.65
N HIS A 72 0.32 10.62 8.63
CA HIS A 72 0.65 10.15 7.28
C HIS A 72 1.48 11.18 6.53
N SER A 73 0.93 12.39 6.33
CA SER A 73 1.64 13.43 5.61
C SER A 73 1.11 14.78 6.04
N CYS A 74 1.91 15.81 5.78
CA CYS A 74 1.56 17.20 6.06
C CYS A 74 1.70 18.05 4.81
N PHE A 75 0.74 18.95 4.60
CA PHE A 75 0.81 19.90 3.51
C PHE A 75 -0.04 21.11 3.88
N GLN A 76 0.15 22.19 3.13
CA GLN A 76 -0.48 23.46 3.46
C GLN A 76 -0.94 24.16 2.20
N THR A 77 -1.92 25.05 2.37
CA THR A 77 -2.45 25.91 1.32
C THR A 77 -2.21 27.36 1.75
N GLU A 78 -2.64 28.32 0.93
CA GLU A 78 -2.46 29.73 1.28
C GLU A 78 -3.27 30.12 2.50
N SER A 79 -4.37 29.40 2.77
CA SER A 79 -5.25 29.74 3.88
C SER A 79 -5.30 28.71 5.00
N ARG A 80 -4.87 27.48 4.75
CA ARG A 80 -5.11 26.40 5.70
C ARG A 80 -3.89 25.51 5.84
N LEU A 81 -3.87 24.76 6.94
CA LEU A 81 -2.87 23.74 7.22
C LEU A 81 -3.58 22.39 7.27
N PHE A 82 -2.96 21.36 6.72
CA PHE A 82 -3.60 20.05 6.59
C PHE A 82 -2.74 18.99 7.26
N PHE A 83 -3.38 18.14 8.04
CA PHE A 83 -2.76 17.02 8.73
C PHE A 83 -3.45 15.75 8.26
N VAL A 84 -2.76 14.93 7.49
CA VAL A 84 -3.30 13.65 7.05
C VAL A 84 -2.90 12.61 8.08
N ILE A 85 -3.89 12.02 8.75
CA ILE A 85 -3.66 11.10 9.85
C ILE A 85 -4.49 9.86 9.62
N GLU A 86 -4.45 8.93 10.58
CA GLU A 86 -5.22 7.71 10.47
C GLU A 86 -6.71 8.00 10.62
N TYR A 87 -7.52 7.05 10.18
CA TYR A 87 -8.97 7.14 10.27
C TYR A 87 -9.47 6.07 11.23
N VAL A 88 -10.02 6.51 12.36
CA VAL A 88 -10.48 5.62 13.42
C VAL A 88 -12.00 5.53 13.26
N ASN A 89 -12.47 4.45 12.63
CA ASN A 89 -13.84 4.35 12.14
C ASN A 89 -14.86 3.91 13.20
N GLY A 90 -14.54 4.00 14.48
CA GLY A 90 -15.50 3.63 15.50
C GLY A 90 -16.08 4.83 16.21
N GLY A 91 -15.57 6.01 15.88
CA GLY A 91 -16.01 7.24 16.52
C GLY A 91 -15.12 7.61 17.68
N ASP A 92 -15.63 8.50 18.52
CA ASP A 92 -14.95 8.93 19.74
C ASP A 92 -15.74 8.51 20.98
N LEU A 93 -15.15 8.74 22.14
CA LEU A 93 -15.82 8.36 23.39
C LEU A 93 -17.03 9.24 23.67
N MET A 94 -16.97 10.51 23.26
CA MET A 94 -18.10 11.41 23.49
C MET A 94 -19.35 10.91 22.77
N PHE A 95 -19.23 10.64 21.47
CA PHE A 95 -20.34 10.07 20.72
C PHE A 95 -20.86 8.81 21.42
N HIS A 96 -19.94 7.88 21.73
CA HIS A 96 -20.31 6.62 22.36
C HIS A 96 -20.59 6.77 23.86
N MET A 97 -20.68 7.99 24.37
CA MET A 97 -21.13 8.22 25.74
C MET A 97 -22.49 8.88 25.82
N GLN A 98 -22.88 9.64 24.79
CA GLN A 98 -24.22 10.21 24.81
C GLN A 98 -25.29 9.16 24.54
N ARG A 99 -24.90 8.04 23.94
CA ARG A 99 -25.79 6.89 23.75
C ARG A 99 -25.77 5.96 24.96
N GLN A 100 -24.58 5.59 25.43
CA GLN A 100 -24.47 4.72 26.59
C GLN A 100 -24.91 5.41 27.87
N ARG A 101 -24.57 6.69 28.02
CA ARG A 101 -24.95 7.54 29.15
C ARG A 101 -24.15 7.21 30.41
N LYS A 102 -23.69 5.98 30.55
CA LYS A 102 -22.90 5.57 31.71
C LYS A 102 -22.26 4.22 31.41
N LEU A 103 -21.01 4.05 31.85
CA LEU A 103 -20.29 2.82 31.56
C LEU A 103 -20.07 1.99 32.83
N PRO A 104 -19.99 0.67 32.70
CA PRO A 104 -19.61 -0.15 33.85
C PRO A 104 -18.14 0.06 34.19
N GLU A 105 -17.82 -0.19 35.46
CA GLU A 105 -16.44 0.01 35.92
C GLU A 105 -15.47 -0.89 35.18
N GLU A 106 -15.91 -2.08 34.76
CA GLU A 106 -15.06 -2.95 33.97
C GLU A 106 -14.70 -2.30 32.63
N HIS A 107 -15.65 -1.59 32.03
CA HIS A 107 -15.40 -0.94 30.75
C HIS A 107 -14.49 0.26 30.92
N ALA A 108 -14.84 1.15 31.85
CA ALA A 108 -14.02 2.34 32.11
C ALA A 108 -12.60 1.98 32.48
N ARG A 109 -12.42 0.89 33.23
CA ARG A 109 -11.08 0.43 33.57
C ARG A 109 -10.29 0.05 32.33
N PHE A 110 -10.96 -0.56 31.34
CA PHE A 110 -10.27 -0.94 30.10
C PHE A 110 -9.80 0.29 29.34
N TYR A 111 -10.68 1.26 29.13
CA TYR A 111 -10.31 2.44 28.34
C TYR A 111 -9.27 3.29 29.05
N SER A 112 -9.44 3.52 30.35
CA SER A 112 -8.51 4.37 31.08
C SER A 112 -7.15 3.70 31.23
N ALA A 113 -7.10 2.36 31.26
CA ALA A 113 -5.82 1.67 31.28
C ALA A 113 -5.06 1.89 29.98
N GLU A 114 -5.73 1.71 28.85
CA GLU A 114 -5.10 1.94 27.56
C GLU A 114 -4.70 3.41 27.40
N ILE A 115 -5.53 4.32 27.89
CA ILE A 115 -5.18 5.74 27.89
C ILE A 115 -3.96 5.97 28.77
N SER A 116 -3.93 5.36 29.95
CA SER A 116 -2.80 5.50 30.86
C SER A 116 -1.49 5.11 30.19
N LEU A 117 -1.50 4.01 29.43
CA LEU A 117 -0.29 3.57 28.74
C LEU A 117 0.12 4.58 27.68
N ALA A 118 -0.83 5.03 26.86
CA ALA A 118 -0.55 6.06 25.87
C ALA A 118 -0.03 7.34 26.53
N LEU A 119 -0.64 7.74 27.65
CA LEU A 119 -0.18 8.94 28.35
C LEU A 119 1.25 8.78 28.85
N ASN A 120 1.54 7.63 29.48
CA ASN A 120 2.90 7.38 29.95
C ASN A 120 3.91 7.46 28.81
N TYR A 121 3.60 6.85 27.67
CA TYR A 121 4.46 6.94 26.50
C TYR A 121 4.74 8.40 26.13
N LEU A 122 3.72 9.25 26.17
CA LEU A 122 3.92 10.68 25.98
C LEU A 122 4.73 11.28 27.13
N HIS A 123 4.38 10.95 28.37
CA HIS A 123 5.08 11.51 29.52
C HIS A 123 6.55 11.15 29.51
N GLU A 124 6.88 9.91 29.17
CA GLU A 124 8.26 9.45 29.15
C GLU A 124 9.02 9.86 27.90
N ARG A 125 8.36 10.56 26.97
CA ARG A 125 9.03 11.18 25.83
C ARG A 125 9.14 12.69 25.97
N GLY A 126 8.62 13.26 27.06
CA GLY A 126 8.73 14.68 27.30
C GLY A 126 7.53 15.49 26.87
N ILE A 127 6.39 14.86 26.61
CA ILE A 127 5.22 15.52 26.07
C ILE A 127 4.13 15.53 27.14
N ILE A 128 3.41 16.64 27.23
CA ILE A 128 2.24 16.76 28.10
C ILE A 128 1.03 16.90 27.19
N TYR A 129 0.19 15.86 27.15
CA TYR A 129 -1.02 15.89 26.33
C TYR A 129 -1.83 17.17 26.53
N ARG A 130 -2.26 17.41 27.78
CA ARG A 130 -2.94 18.64 28.17
C ARG A 130 -4.25 18.87 27.42
N ASP A 131 -4.89 17.80 26.92
CA ASP A 131 -6.20 17.96 26.32
C ASP A 131 -6.94 16.62 26.30
N LEU A 132 -6.76 15.82 27.35
CA LEU A 132 -7.43 14.52 27.43
C LEU A 132 -8.90 14.74 27.73
N LYS A 133 -9.76 14.40 26.78
CA LYS A 133 -11.20 14.51 26.95
C LYS A 133 -11.87 13.43 26.12
N LEU A 134 -13.20 13.34 26.24
CA LEU A 134 -13.97 12.38 25.45
C LEU A 134 -13.73 12.57 23.97
N ASP A 135 -13.81 13.81 23.48
CA ASP A 135 -13.65 14.09 22.07
C ASP A 135 -12.31 13.62 21.53
N ASN A 136 -11.25 13.69 22.34
CA ASN A 136 -9.90 13.40 21.88
CA ASN A 136 -9.90 13.40 21.88
C ASN A 136 -9.51 11.94 22.05
N VAL A 137 -10.47 11.06 22.37
CA VAL A 137 -10.23 9.63 22.45
C VAL A 137 -11.17 8.96 21.46
N LEU A 138 -10.62 8.09 20.60
CA LEU A 138 -11.37 7.47 19.53
C LEU A 138 -11.35 5.95 19.67
N LEU A 139 -12.45 5.32 19.26
CA LEU A 139 -12.58 3.87 19.25
C LEU A 139 -12.27 3.35 17.85
N ASP A 140 -11.47 2.29 17.77
CA ASP A 140 -11.15 1.70 16.48
C ASP A 140 -12.14 0.57 16.15
N SER A 141 -11.98 -0.02 14.96
CA SER A 141 -12.92 -1.03 14.48
C SER A 141 -12.95 -2.25 15.39
N GLU A 142 -11.86 -2.52 16.11
CA GLU A 142 -11.80 -3.72 16.95
C GLU A 142 -12.26 -3.48 18.38
N GLY A 143 -12.35 -2.21 18.81
CA GLY A 143 -12.81 -1.87 20.14
C GLY A 143 -11.77 -1.25 21.06
N HIS A 144 -10.58 -0.96 20.57
CA HIS A 144 -9.54 -0.35 21.38
C HIS A 144 -9.67 1.17 21.30
N ILE A 145 -8.64 1.90 21.74
CA ILE A 145 -8.70 3.35 21.74
C ILE A 145 -7.46 3.91 21.07
N LYS A 146 -7.55 5.18 20.67
CA LYS A 146 -6.45 5.95 20.10
C LYS A 146 -6.66 7.40 20.48
N LEU A 147 -5.56 8.09 20.76
CA LEU A 147 -5.59 9.49 21.19
C LEU A 147 -5.23 10.38 20.01
N THR A 148 -6.02 11.43 19.77
CA THR A 148 -5.82 12.36 18.67
C THR A 148 -5.85 13.79 19.21
N ASP A 149 -5.65 14.73 18.29
CA ASP A 149 -5.70 16.17 18.59
C ASP A 149 -4.60 16.56 19.56
N TYR A 150 -3.41 16.83 19.04
CA TYR A 150 -2.29 17.30 19.85
C TYR A 150 -2.06 18.79 19.59
N GLY A 151 -3.02 19.61 20.01
CA GLY A 151 -2.92 21.04 19.79
C GLY A 151 -2.37 21.76 21.01
N MET A 152 -2.64 21.20 22.19
CA MET A 152 -2.14 21.73 23.45
C MET A 152 -0.87 21.04 23.93
N CYS A 153 -0.45 19.96 23.27
CA CYS A 153 0.73 19.22 23.67
C CYS A 153 1.94 20.13 23.84
N LYS A 154 2.68 19.89 24.92
CA LYS A 154 3.94 20.56 25.18
C LYS A 154 5.07 19.60 24.81
N GLU A 155 6.22 20.17 24.48
CA GLU A 155 7.33 19.36 23.99
C GLU A 155 8.65 19.84 24.55
N GLY A 156 9.49 18.90 24.96
CA GLY A 156 10.79 19.18 25.47
C GLY A 156 10.89 19.18 26.99
N LEU A 157 10.14 18.32 27.67
CA LEU A 157 10.12 18.33 29.13
C LEU A 157 11.20 17.39 29.65
N ARG A 158 12.38 17.95 29.92
CA ARG A 158 13.43 17.18 30.57
C ARG A 158 13.06 17.00 32.05
N PRO A 159 13.46 15.86 32.65
CA PRO A 159 13.01 15.53 34.02
C PRO A 159 13.06 16.67 35.02
N GLY A 160 11.89 17.06 35.52
CA GLY A 160 11.77 18.15 36.48
C GLY A 160 11.40 19.50 35.92
N ASP A 161 10.97 19.59 34.67
CA ASP A 161 10.57 20.85 34.08
C ASP A 161 9.07 21.09 34.31
N THR A 162 8.68 22.36 34.16
CA THR A 162 7.29 22.78 34.33
C THR A 162 6.98 23.87 33.31
N THR A 163 5.70 23.99 32.97
CA THR A 163 5.21 25.04 32.09
C THR A 163 4.11 25.84 32.78
N SER A 164 3.74 26.95 32.16
CA SER A 164 2.78 27.88 32.76
C SER A 164 1.62 28.27 31.84
N PHE A 166 -1.86 28.47 30.21
CA PHE A 166 -3.25 28.20 30.53
C PHE A 166 -3.92 27.66 29.27
N CYS A 167 -4.23 26.37 29.27
CA CYS A 167 -4.82 25.74 28.09
C CYS A 167 -5.51 24.45 28.50
N GLY A 168 -6.27 23.89 27.57
CA GLY A 168 -7.02 22.67 27.76
C GLY A 168 -8.50 22.89 27.50
N THR A 169 -9.28 21.89 27.85
CA THR A 169 -10.73 22.01 27.78
C THR A 169 -11.27 22.50 29.12
N PRO A 170 -12.21 23.46 29.10
CA PRO A 170 -12.67 24.06 30.37
C PRO A 170 -13.06 23.08 31.46
N ASN A 171 -13.74 21.97 31.10
CA ASN A 171 -14.17 21.01 32.11
C ASN A 171 -13.00 20.20 32.67
N TYR A 172 -11.91 20.10 31.93
CA TYR A 172 -10.81 19.19 32.26
C TYR A 172 -9.57 19.89 32.79
N ILE A 173 -9.57 21.23 32.85
CA ILE A 173 -8.40 21.94 33.32
C ILE A 173 -8.12 21.61 34.78
N ALA A 174 -6.86 21.30 35.08
CA ALA A 174 -6.46 20.96 36.44
C ALA A 174 -6.47 22.19 37.33
N PRO A 175 -6.67 22.01 38.64
CA PRO A 175 -6.61 23.15 39.56
C PRO A 175 -5.27 23.88 39.54
N GLU A 176 -4.16 23.15 39.33
CA GLU A 176 -2.85 23.80 39.23
C GLU A 176 -2.87 24.93 38.22
N ILE A 177 -3.42 24.67 37.03
CA ILE A 177 -3.54 25.71 36.02
C ILE A 177 -4.45 26.83 36.50
N LEU A 178 -5.55 26.46 37.16
CA LEU A 178 -6.49 27.47 37.66
C LEU A 178 -5.87 28.36 38.72
N ARG A 179 -4.89 27.84 39.47
CA ARG A 179 -4.20 28.64 40.48
C ARG A 179 -2.98 29.36 39.92
N GLY A 180 -2.79 29.35 38.61
CA GLY A 180 -1.64 30.01 38.00
C GLY A 180 -0.30 29.46 38.43
N GLU A 181 -0.25 28.22 38.89
CA GLU A 181 0.99 27.57 39.27
C GLU A 181 1.69 27.01 38.03
N ASP A 182 2.98 26.71 38.20
CA ASP A 182 3.69 25.92 37.21
C ASP A 182 3.35 24.44 37.41
N TYR A 183 3.31 23.71 36.30
CA TYR A 183 2.80 22.35 36.35
C TYR A 183 3.57 21.47 35.38
N GLY A 184 3.54 20.17 35.65
CA GLY A 184 4.14 19.19 34.76
C GLY A 184 3.12 18.23 34.20
N PHE A 185 3.49 16.96 34.11
CA PHE A 185 2.59 15.91 33.63
C PHE A 185 1.37 15.73 34.53
N SER A 186 1.38 16.34 35.72
CA SER A 186 0.28 16.20 36.67
C SER A 186 -1.08 16.55 36.08
N VAL A 187 -1.11 17.39 35.05
CA VAL A 187 -2.38 17.82 34.49
C VAL A 187 -3.04 16.75 33.63
N ASP A 188 -2.27 15.77 33.13
CA ASP A 188 -2.87 14.73 32.31
C ASP A 188 -3.57 13.68 33.16
N TRP A 189 -3.07 13.42 34.36
CA TRP A 189 -3.73 12.46 35.24
C TRP A 189 -4.94 13.07 35.93
N TRP A 190 -5.01 14.39 36.06
CA TRP A 190 -6.23 15.03 36.51
C TRP A 190 -7.34 14.88 35.47
N ALA A 191 -7.01 15.14 34.20
CA ALA A 191 -8.00 14.98 33.13
C ALA A 191 -8.47 13.54 33.03
N LEU A 192 -7.56 12.59 33.18
CA LEU A 192 -7.96 11.18 33.22
C LEU A 192 -8.89 10.91 34.38
N GLY A 193 -8.67 11.58 35.51
CA GLY A 193 -9.60 11.47 36.63
C GLY A 193 -10.97 11.99 36.28
N VAL A 194 -11.04 13.19 35.71
CA VAL A 194 -12.32 13.76 35.28
C VAL A 194 -12.96 12.86 34.22
N LEU A 195 -12.15 12.31 33.32
CA LEU A 195 -12.67 11.42 32.29
C LEU A 195 -13.25 10.15 32.92
N MET A 196 -12.50 9.52 33.81
CA MET A 196 -12.97 8.30 34.46
C MET A 196 -14.24 8.56 35.27
N PHE A 197 -14.34 9.75 35.88
CA PHE A 197 -15.56 10.10 36.61
C PHE A 197 -16.74 10.15 35.66
N GLU A 198 -16.52 10.67 34.44
CA GLU A 198 -17.60 10.76 33.47
C GLU A 198 -18.03 9.38 33.00
N MET A 199 -17.07 8.48 32.79
CA MET A 199 -17.40 7.14 32.29
C MET A 199 -18.26 6.39 33.29
N MET A 200 -17.92 6.44 34.58
CA MET A 200 -18.58 5.60 35.57
C MET A 200 -19.78 6.27 36.21
N ALA A 201 -19.69 7.57 36.51
CA ALA A 201 -20.82 8.26 37.10
C ALA A 201 -21.86 8.63 36.05
N GLY A 202 -21.44 8.84 34.81
CA GLY A 202 -22.34 9.26 33.75
C GLY A 202 -22.51 10.74 33.61
N ARG A 203 -21.73 11.54 34.36
CA ARG A 203 -21.84 12.98 34.35
C ARG A 203 -20.50 13.56 34.78
N SER A 204 -20.18 14.73 34.22
CA SER A 204 -18.98 15.43 34.66
C SER A 204 -19.07 15.74 36.16
N PRO A 205 -17.97 15.57 36.90
CA PRO A 205 -18.00 15.85 38.35
C PRO A 205 -18.15 17.33 38.68
N PHE A 206 -18.21 18.21 37.67
CA PHE A 206 -18.30 19.65 37.86
C PHE A 206 -19.51 20.28 37.20
N ASP A 207 -20.34 19.51 36.50
CA ASP A 207 -21.52 20.06 35.85
C ASP A 207 -22.81 19.80 36.64
N ILE A 208 -23.06 18.55 37.01
CA ILE A 208 -24.22 18.26 37.86
C ILE A 208 -23.86 18.55 39.31
N GLN A 217 -17.22 35.22 36.38
CA GLN A 217 -17.73 35.05 37.72
C GLN A 217 -18.96 34.13 37.79
N ASN A 218 -19.56 33.80 36.63
CA ASN A 218 -20.90 33.22 36.71
C ASN A 218 -21.29 32.21 35.63
N THR A 219 -20.45 31.84 34.67
CA THR A 219 -20.84 30.66 33.88
C THR A 219 -19.68 29.77 33.42
N GLU A 220 -18.57 30.35 32.96
CA GLU A 220 -17.38 29.57 32.72
C GLU A 220 -16.37 29.73 33.84
N ASP A 221 -16.32 30.94 34.41
CA ASP A 221 -15.61 31.19 35.65
C ASP A 221 -16.37 30.67 36.85
N TYR A 222 -17.64 30.31 36.67
CA TYR A 222 -18.34 29.56 37.70
C TYR A 222 -17.80 28.14 37.76
N LEU A 223 -17.72 27.49 36.60
CA LEU A 223 -17.08 26.18 36.53
C LEU A 223 -15.68 26.22 37.10
N PHE A 224 -14.92 27.28 36.79
CA PHE A 224 -13.55 27.37 37.27
C PHE A 224 -13.48 27.41 38.80
N GLN A 225 -14.42 28.11 39.44
CA GLN A 225 -14.42 28.10 40.90
C GLN A 225 -14.90 26.75 41.43
N VAL A 226 -15.92 26.17 40.79
CA VAL A 226 -16.37 24.82 41.15
C VAL A 226 -15.22 23.84 41.10
N ILE A 227 -14.52 23.79 39.96
CA ILE A 227 -13.35 22.92 39.81
C ILE A 227 -12.34 23.15 40.94
N LEU A 228 -12.30 24.34 41.50
CA LEU A 228 -11.33 24.67 42.54
C LEU A 228 -11.89 24.52 43.95
N GLU A 229 -13.14 24.90 44.16
CA GLU A 229 -13.73 24.95 45.49
C GLU A 229 -14.71 23.83 45.78
N LYS A 230 -15.37 23.26 44.77
CA LYS A 230 -16.37 22.24 45.06
C LYS A 230 -15.69 20.90 45.31
N GLN A 231 -16.40 20.05 46.06
CA GLN A 231 -15.94 18.71 46.39
C GLN A 231 -16.59 17.68 45.48
N ILE A 232 -15.78 16.76 44.95
CA ILE A 232 -16.28 15.71 44.08
C ILE A 232 -17.09 14.73 44.91
N ARG A 233 -18.34 14.52 44.54
CA ARG A 233 -19.26 13.66 45.30
C ARG A 233 -19.47 12.39 44.49
N ILE A 234 -18.82 11.32 44.92
CA ILE A 234 -18.96 10.02 44.25
C ILE A 234 -20.32 9.41 44.60
N PRO A 235 -21.07 8.93 43.61
CA PRO A 235 -22.36 8.30 43.92
C PRO A 235 -22.17 7.01 44.70
N ARG A 236 -23.18 6.66 45.51
CA ARG A 236 -23.07 5.50 46.38
C ARG A 236 -23.05 4.18 45.62
N SER A 237 -23.40 4.18 44.33
CA SER A 237 -23.43 2.96 43.54
C SER A 237 -22.04 2.52 43.08
N LEU A 238 -21.02 3.36 43.23
CA LEU A 238 -19.69 2.99 42.76
C LEU A 238 -18.97 2.17 43.82
N SER A 239 -18.00 1.37 43.37
CA SER A 239 -17.27 0.51 44.27
C SER A 239 -16.32 1.33 45.14
N VAL A 240 -15.71 0.65 46.13
CA VAL A 240 -14.71 1.31 46.96
C VAL A 240 -13.42 1.52 46.17
N LYS A 241 -13.12 0.61 45.25
CA LYS A 241 -11.93 0.76 44.42
C LYS A 241 -12.12 1.86 43.39
N ALA A 242 -13.31 1.94 42.80
CA ALA A 242 -13.62 3.03 41.86
C ALA A 242 -13.61 4.37 42.58
N ALA A 243 -14.24 4.44 43.75
CA ALA A 243 -14.25 5.68 44.53
C ALA A 243 -12.83 6.15 44.84
N SER A 244 -11.98 5.25 45.31
CA SER A 244 -10.62 5.63 45.67
C SER A 244 -9.79 6.03 44.46
N VAL A 245 -10.06 5.45 43.28
CA VAL A 245 -9.28 5.80 42.10
C VAL A 245 -9.69 7.17 41.58
N LEU A 246 -10.93 7.59 41.83
CA LEU A 246 -11.34 8.93 41.45
C LEU A 246 -10.83 9.96 42.45
N LYS A 247 -10.94 9.66 43.76
CA LYS A 247 -10.44 10.59 44.77
C LYS A 247 -8.93 10.74 44.70
N SER A 248 -8.23 9.72 44.22
CA SER A 248 -6.77 9.80 44.09
C SER A 248 -6.35 10.50 42.81
N PHE A 249 -7.19 10.49 41.78
CA PHE A 249 -6.91 11.21 40.55
C PHE A 249 -7.43 12.64 40.58
N LEU A 250 -8.55 12.88 41.27
CA LEU A 250 -9.11 14.21 41.43
C LEU A 250 -8.66 14.90 42.70
N ASN A 251 -7.49 14.53 43.23
CA ASN A 251 -6.95 15.22 44.38
C ASN A 251 -6.49 16.61 43.97
N LYS A 252 -6.93 17.63 44.69
CA LYS A 252 -6.66 19.01 44.29
C LYS A 252 -5.17 19.35 44.42
N ASP A 253 -4.41 18.58 45.21
CA ASP A 253 -3.00 18.87 45.42
C ASP A 253 -2.18 18.05 44.44
N PRO A 254 -1.49 18.69 43.49
CA PRO A 254 -0.68 17.92 42.53
C PRO A 254 0.41 17.07 43.18
N LYS A 255 0.92 17.47 44.33
CA LYS A 255 1.96 16.69 44.99
C LYS A 255 1.40 15.44 45.64
N GLU A 256 0.09 15.37 45.86
CA GLU A 256 -0.57 14.25 46.52
C GLU A 256 -1.37 13.39 45.55
N ARG A 257 -1.41 13.77 44.27
CA ARG A 257 -2.25 13.09 43.30
C ARG A 257 -1.63 11.77 42.84
N LEU A 258 -2.48 10.87 42.37
CA LEU A 258 -2.04 9.58 41.87
C LEU A 258 -1.41 9.76 40.49
N GLY A 259 -0.22 9.18 40.31
CA GLY A 259 0.50 9.33 39.07
C GLY A 259 1.46 10.49 39.04
N CYS A 260 1.35 11.39 40.02
CA CYS A 260 2.18 12.59 40.15
C CYS A 260 3.27 12.38 41.18
N HIS A 261 3.77 11.15 41.23
CA HIS A 261 4.76 10.68 42.19
C HIS A 261 6.11 10.57 41.49
N PRO A 262 7.02 11.50 41.69
CA PRO A 262 8.31 11.46 40.99
C PRO A 262 9.02 10.11 41.07
N GLN A 263 9.47 9.63 39.89
CA GLN A 263 9.87 8.24 39.62
C GLN A 263 8.80 7.16 39.78
N THR A 264 7.96 7.23 40.80
CA THR A 264 7.01 6.17 41.06
C THR A 264 5.62 6.45 40.48
N GLY A 265 5.51 7.38 39.55
CA GLY A 265 4.24 7.77 38.98
C GLY A 265 3.41 6.65 38.38
N PHE A 266 3.85 6.11 37.23
CA PHE A 266 3.06 5.07 36.56
C PHE A 266 2.90 3.82 37.42
N ALA A 267 3.97 3.43 38.13
CA ALA A 267 3.88 2.26 39.01
C ALA A 267 2.77 2.42 40.04
N ASP A 268 2.58 3.63 40.57
CA ASP A 268 1.50 3.86 41.51
C ASP A 268 0.14 3.65 40.86
N ILE A 269 0.00 4.07 39.60
CA ILE A 269 -1.26 3.90 38.90
C ILE A 269 -1.52 2.43 38.60
N GLN A 270 -0.45 1.65 38.36
CA GLN A 270 -0.60 0.22 38.10
C GLN A 270 -0.85 -0.58 39.37
N GLY A 271 -0.45 -0.06 40.52
CA GLY A 271 -0.63 -0.76 41.78
C GLY A 271 -1.90 -0.43 42.52
N HIS A 272 -2.66 0.55 42.04
CA HIS A 272 -3.87 0.95 42.74
C HIS A 272 -4.91 -0.16 42.67
N PRO A 273 -5.70 -0.36 43.74
CA PRO A 273 -6.71 -1.44 43.73
C PRO A 273 -7.60 -1.47 42.50
N PHE A 274 -7.97 -0.31 41.97
CA PHE A 274 -8.81 -0.27 40.78
C PHE A 274 -8.09 -0.88 39.58
N PHE A 275 -6.81 -0.60 39.43
CA PHE A 275 -6.02 -1.10 38.31
C PHE A 275 -5.24 -2.35 38.67
N ARG A 276 -5.78 -3.16 39.57
CA ARG A 276 -5.22 -4.45 39.92
C ARG A 276 -5.94 -5.50 39.09
N ASN A 277 -5.39 -6.72 39.10
CA ASN A 277 -5.98 -7.84 38.36
C ASN A 277 -5.94 -7.55 36.86
N VAL A 278 -5.33 -6.42 36.48
CA VAL A 278 -5.20 -6.00 35.09
C VAL A 278 -3.80 -6.36 34.62
N ASP A 279 -3.71 -6.92 33.42
CA ASP A 279 -2.41 -7.23 32.81
C ASP A 279 -2.03 -6.10 31.87
N TRP A 280 -1.03 -5.31 32.27
CA TRP A 280 -0.67 -4.12 31.51
C TRP A 280 0.19 -4.44 30.30
N ASP A 281 0.94 -5.56 30.36
CA ASP A 281 1.78 -5.93 29.24
C ASP A 281 0.98 -6.61 28.13
N MET A 282 -0.04 -7.37 28.49
CA MET A 282 -0.99 -7.84 27.48
C MET A 282 -1.79 -6.68 26.92
N MET A 283 -2.12 -5.70 27.77
CA MET A 283 -2.90 -4.55 27.29
C MET A 283 -2.07 -3.70 26.34
N GLU A 284 -0.79 -3.50 26.65
CA GLU A 284 0.07 -2.73 25.77
C GLU A 284 0.27 -3.44 24.43
N GLN A 285 0.15 -4.77 24.42
CA GLN A 285 0.32 -5.56 23.23
C GLN A 285 -1.00 -5.88 22.53
N LYS A 286 -2.07 -5.17 22.90
CA LYS A 286 -3.40 -5.35 22.32
C LYS A 286 -3.87 -6.81 22.41
N GLN A 287 -3.67 -7.41 23.57
CA GLN A 287 -4.10 -8.79 23.82
C GLN A 287 -5.34 -8.89 24.69
N VAL A 288 -5.79 -7.82 25.30
CA VAL A 288 -7.02 -7.83 26.11
C VAL A 288 -8.21 -7.63 25.19
N VAL A 289 -9.30 -8.32 25.50
CA VAL A 289 -10.51 -8.31 24.65
C VAL A 289 -11.34 -7.08 25.02
N PRO A 290 -11.61 -6.19 24.07
CA PRO A 290 -12.42 -5.02 24.38
C PRO A 290 -13.77 -5.41 24.94
N PRO A 291 -14.34 -4.59 25.83
CA PRO A 291 -15.69 -4.87 26.33
C PRO A 291 -16.79 -4.46 25.37
N PHE A 292 -16.48 -3.55 24.45
CA PHE A 292 -17.47 -3.01 23.51
C PHE A 292 -16.82 -2.97 22.13
N LYS A 293 -17.49 -3.55 21.15
CA LYS A 293 -17.02 -3.58 19.78
C LYS A 293 -17.90 -2.67 18.94
N PRO A 294 -17.35 -1.60 18.36
CA PRO A 294 -18.20 -0.65 17.62
C PRO A 294 -18.97 -1.34 16.50
N ASN A 295 -20.17 -0.83 16.25
CA ASN A 295 -21.04 -1.33 15.19
C ASN A 295 -20.77 -0.50 13.95
N ILE A 296 -19.81 -0.93 13.14
CA ILE A 296 -19.45 -0.20 11.94
C ILE A 296 -20.63 -0.28 10.98
N SER A 297 -21.44 0.77 10.96
CA SER A 297 -22.63 0.86 10.13
C SER A 297 -22.46 2.02 9.15
N GLY A 298 -22.98 1.85 7.94
CA GLY A 298 -22.91 2.89 6.94
C GLY A 298 -21.60 2.87 6.17
N GLU A 299 -21.51 3.79 5.22
CA GLU A 299 -20.31 3.89 4.39
C GLU A 299 -19.11 4.28 5.26
N PHE A 300 -18.03 3.50 5.14
CA PHE A 300 -16.78 3.75 5.86
C PHE A 300 -16.97 3.78 7.37
N GLY A 301 -18.09 3.26 7.86
CA GLY A 301 -18.39 3.35 9.29
C GLY A 301 -18.77 4.75 9.74
N LEU A 302 -19.48 5.49 8.88
CA LEU A 302 -19.83 6.87 9.16
C LEU A 302 -21.02 7.02 10.11
N ASP A 303 -21.77 5.95 10.35
CA ASP A 303 -22.84 6.01 11.34
C ASP A 303 -22.30 6.03 12.77
N ASN A 304 -20.98 6.03 12.94
CA ASN A 304 -20.34 6.17 14.24
C ASN A 304 -19.89 7.61 14.50
N PHE A 305 -20.27 8.53 13.63
CA PHE A 305 -19.95 9.95 13.77
C PHE A 305 -21.24 10.74 13.79
N ASP A 306 -21.21 11.90 14.44
CA ASP A 306 -22.41 12.71 14.57
C ASP A 306 -22.92 13.17 13.21
N SER A 307 -24.25 13.26 13.08
CA SER A 307 -24.85 13.69 11.82
C SER A 307 -24.86 15.19 11.66
N GLN A 308 -24.42 15.94 12.68
CA GLN A 308 -24.30 17.39 12.54
C GLN A 308 -23.11 17.76 11.66
N PHE A 309 -22.16 16.83 11.49
CA PHE A 309 -20.98 17.05 10.67
C PHE A 309 -21.03 16.28 9.36
N THR A 310 -21.56 15.05 9.38
CA THR A 310 -21.65 14.24 8.18
C THR A 310 -22.78 14.68 7.26
N ASN A 311 -23.55 15.70 7.64
CA ASN A 311 -24.57 16.28 6.80
C ASN A 311 -24.16 17.64 6.24
N GLU A 312 -23.06 18.21 6.72
CA GLU A 312 -22.51 19.41 6.11
C GLU A 312 -22.06 19.09 4.70
N PRO A 313 -22.16 20.05 3.78
CA PRO A 313 -21.65 19.80 2.43
C PRO A 313 -20.16 19.49 2.46
N VAL A 314 -19.78 18.45 1.73
CA VAL A 314 -18.39 18.01 1.73
C VAL A 314 -17.61 18.93 0.80
N GLN A 315 -17.03 19.98 1.37
CA GLN A 315 -16.30 20.98 0.60
C GLN A 315 -15.43 21.78 1.56
N LEU A 316 -14.61 22.66 1.00
CA LEU A 316 -13.82 23.57 1.80
C LEU A 316 -14.39 24.98 1.67
N PRO A 318 -14.86 28.81 1.10
CA PRO A 318 -14.19 29.78 0.25
C PRO A 318 -13.29 30.77 0.99
N ASP A 319 -12.29 31.30 0.29
CA ASP A 319 -11.30 32.15 0.94
C ASP A 319 -11.68 33.62 0.82
N ASP A 320 -11.05 34.43 1.67
CA ASP A 320 -11.23 35.88 1.69
C ASP A 320 -9.85 36.49 1.46
N ASP A 321 -9.58 36.88 0.21
CA ASP A 321 -8.27 37.44 -0.16
C ASP A 321 -7.88 38.64 0.69
N ASP A 322 -8.85 39.29 1.34
CA ASP A 322 -8.56 40.40 2.24
C ASP A 322 -8.11 39.91 3.60
N ILE A 323 -8.63 38.76 4.05
CA ILE A 323 -8.23 38.18 5.32
C ILE A 323 -6.97 37.32 5.16
N VAL A 324 -6.85 36.62 4.03
CA VAL A 324 -5.71 35.72 3.82
C VAL A 324 -4.45 36.46 3.39
N ARG A 325 -4.54 37.76 3.14
CA ARG A 325 -3.37 38.53 2.75
C ARG A 325 -2.62 39.10 3.94
N LYS A 326 -3.07 38.82 5.17
CA LYS A 326 -2.40 39.25 6.37
C LYS A 326 -1.54 38.16 7.00
N ILE A 327 -1.71 36.91 6.55
CA ILE A 327 -1.02 35.78 7.17
C ILE A 327 0.48 35.88 6.92
N ASP A 328 1.26 35.73 7.98
CA ASP A 328 2.72 35.71 7.88
C ASP A 328 3.13 34.30 7.47
N GLN A 329 3.28 34.08 6.17
CA GLN A 329 3.62 32.75 5.66
C GLN A 329 5.08 32.38 5.89
N SER A 330 5.86 33.25 6.54
CA SER A 330 7.24 32.93 6.90
C SER A 330 7.34 32.25 8.26
N GLU A 331 6.28 31.58 8.67
CA GLU A 331 6.23 30.79 9.89
C GLU A 331 5.83 29.35 9.60
N PHE A 332 5.37 29.06 8.38
CA PHE A 332 4.96 27.75 7.91
C PHE A 332 5.90 27.22 6.84
N GLU A 333 7.17 27.64 6.88
CA GLU A 333 8.13 27.30 5.84
C GLU A 333 8.29 25.80 5.64
N GLY A 334 8.64 25.07 6.70
CA GLY A 334 8.85 23.63 6.54
C GLY A 334 7.71 22.72 6.94
N PHE A 335 6.47 23.14 6.70
CA PHE A 335 5.34 22.30 7.09
C PHE A 335 5.16 21.09 6.17
N GLU A 336 5.59 21.18 4.91
CA GLU A 336 5.42 20.05 4.00
C GLU A 336 6.14 18.82 4.53
N TYR A 337 5.42 17.70 4.61
CA TYR A 337 6.00 16.50 5.20
C TYR A 337 5.25 15.26 4.69
N ILE A 338 6.00 14.18 4.50
CA ILE A 338 5.44 12.88 4.12
C ILE A 338 6.15 11.81 4.94
N ASN A 339 5.38 11.08 5.75
CA ASN A 339 5.97 10.06 6.62
C ASN A 339 6.65 8.99 5.77
N PRO A 340 7.98 8.68 6.03
CA PRO A 340 8.65 7.58 5.31
C PRO A 340 8.58 6.25 6.04
N LEU A 341 7.39 5.65 6.01
CA LEU A 341 7.11 4.40 6.70
C LEU A 341 7.48 4.45 8.18
N LEU B 2 18.26 -11.55 -47.49
CA LEU B 2 16.89 -11.79 -47.90
C LEU B 2 16.13 -10.47 -48.04
N GLY B 3 14.88 -10.54 -48.50
CA GLY B 3 14.10 -9.34 -48.71
C GLY B 3 12.62 -9.62 -48.63
N LEU B 4 11.83 -8.55 -48.68
CA LEU B 4 10.39 -8.70 -48.65
C LEU B 4 9.87 -9.44 -49.88
N GLN B 5 10.57 -9.33 -51.02
CA GLN B 5 10.15 -10.00 -52.24
C GLN B 5 10.36 -11.51 -52.17
N ASP B 6 11.07 -12.01 -51.17
CA ASP B 6 11.35 -13.44 -51.03
C ASP B 6 10.41 -14.12 -50.04
N PHE B 7 9.41 -13.40 -49.51
CA PHE B 7 8.51 -13.95 -48.53
C PHE B 7 7.07 -13.76 -48.99
N ASP B 8 6.24 -14.75 -48.71
CA ASP B 8 4.82 -14.71 -49.03
C ASP B 8 4.06 -14.26 -47.79
N LEU B 9 3.20 -13.25 -47.95
CA LEU B 9 2.43 -12.71 -46.83
C LEU B 9 1.11 -13.46 -46.74
N LEU B 10 0.95 -14.26 -45.70
CA LEU B 10 -0.22 -15.12 -45.54
C LEU B 10 -1.29 -14.49 -44.65
N ARG B 11 -0.98 -14.25 -43.37
CA ARG B 11 -1.98 -13.76 -42.45
C ARG B 11 -1.29 -12.90 -41.39
N VAL B 12 -2.05 -11.99 -40.81
CA VAL B 12 -1.60 -11.21 -39.66
C VAL B 12 -1.99 -11.97 -38.40
N ILE B 13 -1.00 -12.35 -37.59
CA ILE B 13 -1.25 -13.18 -36.42
C ILE B 13 -0.99 -12.47 -35.10
N GLY B 14 -0.39 -11.29 -35.10
CA GLY B 14 -0.09 -10.65 -33.84
C GLY B 14 0.22 -9.18 -33.94
N ARG B 15 0.09 -8.51 -32.79
CA ARG B 15 0.39 -7.10 -32.61
C ARG B 15 0.87 -6.89 -31.19
N GLY B 16 1.82 -5.98 -31.02
CA GLY B 16 2.31 -5.65 -29.70
C GLY B 16 2.48 -4.15 -29.51
N SER B 17 3.37 -3.76 -28.60
CA SER B 17 3.66 -2.35 -28.42
C SER B 17 4.76 -1.86 -29.34
N TYR B 18 5.58 -2.77 -29.87
CA TYR B 18 6.68 -2.41 -30.74
C TYR B 18 6.55 -2.94 -32.17
N ALA B 19 5.90 -4.09 -32.36
CA ALA B 19 5.93 -4.75 -33.66
C ALA B 19 4.56 -5.31 -34.03
N LYS B 20 4.41 -5.60 -35.32
CA LYS B 20 3.26 -6.30 -35.88
C LYS B 20 3.76 -7.62 -36.46
N VAL B 21 3.18 -8.72 -35.98
CA VAL B 21 3.66 -10.06 -36.36
C VAL B 21 2.73 -10.63 -37.41
N LEU B 22 3.31 -11.11 -38.51
CA LEU B 22 2.58 -11.65 -39.64
C LEU B 22 2.99 -13.11 -39.89
N LEU B 23 2.02 -13.90 -40.33
CA LEU B 23 2.29 -15.26 -40.78
C LEU B 23 2.82 -15.17 -42.21
N VAL B 24 4.03 -15.68 -42.43
CA VAL B 24 4.67 -15.57 -43.73
C VAL B 24 5.14 -16.95 -44.19
N ARG B 25 5.51 -17.02 -45.46
CA ARG B 25 5.96 -18.25 -46.10
C ARG B 25 7.18 -17.96 -46.95
N LEU B 26 8.26 -18.69 -46.72
CA LEU B 26 9.47 -18.56 -47.53
C LEU B 26 9.20 -19.11 -48.93
N LYS B 27 9.38 -18.25 -49.94
CA LYS B 27 9.03 -18.63 -51.31
C LYS B 27 9.97 -19.70 -51.86
N LYS B 28 11.25 -19.66 -51.47
CA LYS B 28 12.20 -20.62 -52.01
C LYS B 28 11.86 -22.05 -51.61
N THR B 29 11.64 -22.28 -50.31
CA THR B 29 11.48 -23.64 -49.78
C THR B 29 10.08 -23.92 -49.27
N ASP B 30 9.11 -23.05 -49.56
CA ASP B 30 7.70 -23.22 -49.21
C ASP B 30 7.50 -23.40 -47.70
N ARG B 31 8.50 -23.09 -46.89
CA ARG B 31 8.41 -23.26 -45.44
C ARG B 31 7.70 -22.06 -44.81
N ILE B 32 7.00 -22.33 -43.73
CA ILE B 32 6.16 -21.36 -43.04
C ILE B 32 6.85 -20.85 -41.79
N TYR B 33 6.92 -19.52 -41.66
CA TYR B 33 7.59 -18.84 -40.56
C TYR B 33 6.68 -17.74 -40.03
N ALA B 34 7.15 -17.07 -38.98
CA ALA B 34 6.56 -15.82 -38.50
C ALA B 34 7.55 -14.68 -38.70
N MET B 35 7.02 -13.48 -38.94
CA MET B 35 7.84 -12.30 -39.23
C MET B 35 7.43 -11.17 -38.30
N LYS B 36 8.38 -10.72 -37.47
CA LYS B 36 8.16 -9.61 -36.55
C LYS B 36 8.56 -8.32 -37.25
N VAL B 37 7.59 -7.45 -37.51
CA VAL B 37 7.79 -6.23 -38.29
C VAL B 37 7.81 -5.04 -37.35
N VAL B 38 8.97 -4.39 -37.23
CA VAL B 38 9.17 -3.25 -36.34
C VAL B 38 9.42 -2.01 -37.18
N LYS B 39 8.62 -0.96 -36.94
CA LYS B 39 8.80 0.31 -37.63
C LYS B 39 9.92 1.11 -36.97
N LYS B 40 10.73 1.78 -37.79
CA LYS B 40 11.88 2.52 -37.28
C LYS B 40 11.51 3.88 -36.70
N GLU B 41 10.25 4.30 -36.76
CA GLU B 41 9.87 5.57 -36.15
C GLU B 41 9.79 5.45 -34.63
N LEU B 42 9.54 4.25 -34.13
CA LEU B 42 9.58 4.00 -32.69
C LEU B 42 11.02 3.92 -32.21
N VAL B 43 11.87 3.24 -32.96
CA VAL B 43 13.27 3.07 -32.60
C VAL B 43 14.08 4.28 -33.04
N GLN B 53 19.38 -4.39 -32.32
CA GLN B 53 20.71 -4.98 -32.19
C GLN B 53 20.73 -5.96 -31.02
N THR B 54 20.14 -5.55 -29.89
CA THR B 54 20.13 -6.41 -28.71
C THR B 54 19.17 -7.56 -28.95
N GLU B 55 17.97 -7.27 -29.43
CA GLU B 55 16.97 -8.31 -29.67
C GLU B 55 17.49 -9.28 -30.72
N LYS B 56 18.28 -8.76 -31.67
CA LYS B 56 18.93 -9.60 -32.66
C LYS B 56 19.92 -10.56 -32.00
N HIS B 57 20.90 -10.02 -31.26
CA HIS B 57 21.90 -10.89 -30.64
C HIS B 57 21.26 -11.93 -29.73
N VAL B 58 20.07 -11.63 -29.17
CA VAL B 58 19.40 -12.61 -28.33
C VAL B 58 18.67 -13.64 -29.20
N PHE B 59 18.10 -13.19 -30.32
CA PHE B 59 17.52 -14.15 -31.27
C PHE B 59 18.57 -15.09 -31.82
N GLU B 60 19.82 -14.62 -31.94
CA GLU B 60 20.91 -15.49 -32.37
C GLU B 60 21.13 -16.61 -31.34
N GLN B 61 21.34 -16.23 -30.08
CA GLN B 61 21.51 -17.21 -29.01
C GLN B 61 20.32 -18.16 -28.95
N ALA B 62 19.11 -17.60 -28.97
CA ALA B 62 17.88 -18.40 -28.82
C ALA B 62 17.71 -19.45 -29.90
N SER B 63 18.42 -19.34 -31.03
CA SER B 63 18.26 -20.30 -32.10
C SER B 63 18.79 -21.69 -31.74
N ASN B 64 19.69 -21.78 -30.76
CA ASN B 64 20.22 -23.07 -30.33
C ASN B 64 19.64 -23.46 -28.97
N HIS B 65 18.33 -23.65 -28.91
CA HIS B 65 17.67 -24.06 -27.67
C HIS B 65 16.27 -24.53 -28.01
N PRO B 66 15.74 -25.53 -27.28
CA PRO B 66 14.42 -26.08 -27.63
C PRO B 66 13.24 -25.25 -27.16
N PHE B 67 13.40 -24.45 -26.10
CA PHE B 67 12.30 -23.69 -25.53
C PHE B 67 12.38 -22.20 -25.85
N LEU B 68 13.13 -21.84 -26.88
CA LEU B 68 13.29 -20.46 -27.32
C LEU B 68 12.96 -20.35 -28.79
N VAL B 69 12.31 -19.26 -29.17
CA VAL B 69 12.05 -19.00 -30.59
C VAL B 69 13.36 -18.62 -31.26
N GLY B 70 13.68 -19.29 -32.37
CA GLY B 70 14.93 -19.09 -33.06
C GLY B 70 14.81 -18.12 -34.21
N LEU B 71 15.95 -17.57 -34.60
CA LEU B 71 16.02 -16.55 -35.65
C LEU B 71 16.41 -17.20 -36.97
N HIS B 72 15.60 -16.96 -38.00
CA HIS B 72 15.91 -17.45 -39.33
C HIS B 72 16.77 -16.45 -40.09
N SER B 73 16.27 -15.23 -40.27
CA SER B 73 17.02 -14.20 -40.98
C SER B 73 16.53 -12.83 -40.55
N CYS B 74 17.37 -11.83 -40.80
CA CYS B 74 17.07 -10.45 -40.51
C CYS B 74 17.25 -9.63 -41.78
N PHE B 75 16.33 -8.70 -42.02
CA PHE B 75 16.45 -7.78 -43.14
C PHE B 75 15.63 -6.54 -42.82
N GLN B 76 15.87 -5.48 -43.58
CA GLN B 76 15.26 -4.19 -43.28
C GLN B 76 14.85 -3.51 -44.57
N THR B 77 13.91 -2.59 -44.43
CA THR B 77 13.43 -1.74 -45.51
C THR B 77 13.69 -0.29 -45.11
N GLU B 78 13.28 0.64 -45.97
CA GLU B 78 13.50 2.05 -45.67
C GLU B 78 12.71 2.48 -44.45
N SER B 79 11.60 1.81 -44.15
CA SER B 79 10.74 2.21 -43.04
C SER B 79 10.67 1.21 -41.89
N ARG B 80 11.06 -0.05 -42.10
CA ARG B 80 10.78 -1.09 -41.12
C ARG B 80 11.96 -2.04 -40.94
N LEU B 81 11.92 -2.75 -39.81
CA LEU B 81 12.86 -3.81 -39.48
C LEU B 81 12.08 -5.11 -39.38
N PHE B 82 12.67 -6.20 -39.89
CA PHE B 82 12.00 -7.48 -39.98
C PHE B 82 12.80 -8.56 -39.28
N PHE B 83 12.11 -9.38 -38.49
CA PHE B 83 12.72 -10.50 -37.78
C PHE B 83 11.99 -11.76 -38.25
N VAL B 84 12.68 -12.59 -39.02
CA VAL B 84 12.12 -13.86 -39.48
C VAL B 84 12.48 -14.92 -38.46
N ILE B 85 11.47 -15.51 -37.83
CA ILE B 85 11.64 -16.45 -36.74
C ILE B 85 10.80 -17.68 -37.02
N GLU B 86 10.81 -18.62 -36.07
CA GLU B 86 10.03 -19.82 -36.21
C GLU B 86 8.54 -19.50 -36.08
N TYR B 87 7.71 -20.44 -36.53
CA TYR B 87 6.26 -20.29 -36.47
C TYR B 87 5.72 -21.35 -35.50
N VAL B 88 5.17 -20.89 -34.38
CA VAL B 88 4.65 -21.75 -33.33
C VAL B 88 3.14 -21.75 -33.50
N ASN B 89 2.60 -22.81 -34.12
CA ASN B 89 1.23 -22.83 -34.62
C ASN B 89 0.19 -23.20 -33.57
N GLY B 90 0.52 -23.11 -32.28
CA GLY B 90 -0.46 -23.43 -31.25
C GLY B 90 -0.97 -22.18 -30.56
N GLY B 91 -0.40 -21.03 -30.91
CA GLY B 91 -0.78 -19.78 -30.29
C GLY B 91 0.13 -19.45 -29.13
N ASP B 92 -0.35 -18.54 -28.29
CA ASP B 92 0.37 -18.16 -27.09
C ASP B 92 -0.45 -18.56 -25.87
N LEU B 93 0.15 -18.40 -24.69
CA LEU B 93 -0.55 -18.79 -23.47
C LEU B 93 -1.70 -17.86 -23.15
N MET B 94 -1.60 -16.57 -23.46
CA MET B 94 -2.71 -15.65 -23.15
C MET B 94 -3.98 -16.06 -23.88
N PHE B 95 -3.90 -16.19 -25.21
CA PHE B 95 -5.04 -16.67 -25.97
C PHE B 95 -5.52 -18.00 -25.43
N HIS B 96 -4.58 -18.94 -25.28
CA HIS B 96 -4.85 -20.30 -24.83
C HIS B 96 -5.09 -20.41 -23.32
N MET B 97 -5.21 -19.28 -22.61
CA MET B 97 -5.62 -19.27 -21.21
C MET B 97 -7.01 -18.69 -21.01
N GLN B 98 -7.46 -17.84 -21.94
CA GLN B 98 -8.81 -17.27 -21.89
C GLN B 98 -9.87 -18.31 -22.22
N ARG B 99 -9.49 -19.40 -22.87
CA ARG B 99 -10.38 -20.53 -23.12
C ARG B 99 -10.38 -21.49 -21.94
N GLN B 100 -9.18 -21.86 -21.45
CA GLN B 100 -9.08 -22.76 -20.31
C GLN B 100 -9.57 -22.09 -19.03
N ARG B 101 -9.24 -20.81 -18.85
CA ARG B 101 -9.67 -19.98 -17.73
C ARG B 101 -8.90 -20.30 -16.45
N LYS B 102 -8.42 -21.54 -16.33
CA LYS B 102 -7.66 -21.98 -15.17
C LYS B 102 -6.99 -23.30 -15.51
N LEU B 103 -5.75 -23.48 -15.06
CA LEU B 103 -5.02 -24.69 -15.42
C LEU B 103 -4.80 -25.58 -14.19
N PRO B 104 -4.74 -26.90 -14.39
CA PRO B 104 -4.34 -27.77 -13.28
C PRO B 104 -2.88 -27.58 -12.94
N GLU B 105 -2.54 -27.88 -11.69
CA GLU B 105 -1.17 -27.70 -11.23
C GLU B 105 -0.18 -28.56 -12.02
N GLU B 106 -0.63 -29.73 -12.50
CA GLU B 106 0.24 -30.55 -13.34
C GLU B 106 0.58 -29.82 -14.63
N HIS B 107 -0.36 -29.08 -15.20
CA HIS B 107 -0.09 -28.36 -16.44
C HIS B 107 0.82 -27.16 -16.18
N ALA B 108 0.45 -26.31 -15.21
CA ALA B 108 1.26 -25.15 -14.89
C ALA B 108 2.68 -25.55 -14.51
N ARG B 109 2.83 -26.66 -13.79
CA ARG B 109 4.17 -27.16 -13.45
C ARG B 109 4.95 -27.51 -14.70
N PHE B 110 4.28 -28.07 -15.70
CA PHE B 110 4.95 -28.43 -16.95
C PHE B 110 5.46 -27.19 -17.68
N TYR B 111 4.58 -26.19 -17.85
CA TYR B 111 4.96 -25.00 -18.59
C TYR B 111 6.01 -24.19 -17.85
N SER B 112 5.84 -24.00 -16.54
CA SER B 112 6.79 -23.20 -15.77
C SER B 112 8.14 -23.88 -15.63
N ALA B 113 8.18 -25.22 -15.64
CA ALA B 113 9.46 -25.93 -15.63
C ALA B 113 10.22 -25.68 -16.92
N GLU B 114 9.54 -25.82 -18.07
CA GLU B 114 10.19 -25.57 -19.35
C GLU B 114 10.60 -24.10 -19.47
N ILE B 115 9.78 -23.18 -18.96
CA ILE B 115 10.15 -21.77 -18.93
C ILE B 115 11.39 -21.55 -18.06
N SER B 116 11.43 -22.21 -16.89
CA SER B 116 12.58 -22.07 -15.99
C SER B 116 13.88 -22.45 -16.67
N LEU B 117 13.87 -23.53 -17.45
CA LEU B 117 15.07 -23.94 -18.17
C LEU B 117 15.48 -22.89 -19.20
N ALA B 118 14.53 -22.43 -20.01
CA ALA B 118 14.81 -21.37 -20.96
C ALA B 118 15.34 -20.12 -20.28
N LEU B 119 14.75 -19.75 -19.14
CA LEU B 119 15.22 -18.58 -18.41
C LEU B 119 16.65 -18.77 -17.93
N ASN B 120 16.94 -19.94 -17.33
CA ASN B 120 18.30 -20.22 -16.88
C ASN B 120 19.30 -20.13 -18.02
N TYR B 121 18.95 -20.71 -19.17
CA TYR B 121 19.81 -20.63 -20.35
C TYR B 121 20.12 -19.18 -20.71
N LEU B 122 19.12 -18.31 -20.65
CA LEU B 122 19.37 -16.88 -20.81
C LEU B 122 20.18 -16.34 -19.65
N HIS B 123 19.80 -16.71 -18.42
CA HIS B 123 20.50 -16.22 -17.24
C HIS B 123 21.96 -16.63 -17.24
N GLU B 124 22.24 -17.88 -17.63
CA GLU B 124 23.61 -18.40 -17.63
C GLU B 124 24.40 -17.96 -18.86
N ARG B 125 23.86 -17.08 -19.69
CA ARG B 125 24.61 -16.46 -20.77
C ARG B 125 24.61 -14.94 -20.66
N GLY B 126 24.14 -14.39 -19.54
CA GLY B 126 24.22 -12.96 -19.31
C GLY B 126 23.02 -12.15 -19.71
N ILE B 127 21.88 -12.81 -19.96
CA ILE B 127 20.69 -12.14 -20.48
C ILE B 127 19.59 -12.11 -19.43
N ILE B 128 18.86 -11.00 -19.36
CA ILE B 128 17.68 -10.86 -18.50
C ILE B 128 16.48 -10.74 -19.42
N TYR B 129 15.63 -11.76 -19.46
CA TYR B 129 14.43 -11.70 -20.28
C TYR B 129 13.66 -10.41 -20.04
N ARG B 130 13.24 -10.19 -18.79
CA ARG B 130 12.60 -8.95 -18.36
C ARG B 130 11.29 -8.65 -19.08
N ASP B 131 10.63 -9.67 -19.61
CA ASP B 131 9.31 -9.50 -20.20
C ASP B 131 8.58 -10.83 -20.25
N LEU B 132 8.75 -11.66 -19.23
CA LEU B 132 8.08 -12.95 -19.18
C LEU B 132 6.60 -12.73 -18.87
N LYS B 133 5.75 -13.04 -19.84
CA LYS B 133 4.31 -12.93 -19.68
C LYS B 133 3.63 -13.97 -20.55
N LEU B 134 2.31 -14.06 -20.43
CA LEU B 134 1.54 -14.97 -21.26
C LEU B 134 1.77 -14.71 -22.74
N ASP B 135 1.69 -13.43 -23.16
CA ASP B 135 1.84 -13.06 -24.55
C ASP B 135 3.18 -13.50 -25.15
N ASN B 136 4.20 -13.74 -24.32
CA ASN B 136 5.54 -14.03 -24.82
C ASN B 136 5.88 -15.52 -24.78
N VAL B 137 4.97 -16.37 -24.33
CA VAL B 137 5.17 -17.82 -24.31
C VAL B 137 4.18 -18.43 -25.28
N LEU B 138 4.68 -19.30 -26.16
CA LEU B 138 3.88 -19.88 -27.24
C LEU B 138 3.87 -21.40 -27.12
N LEU B 139 2.74 -21.99 -27.51
CA LEU B 139 2.57 -23.44 -27.53
C LEU B 139 2.83 -23.95 -28.94
N ASP B 140 3.61 -25.02 -29.06
CA ASP B 140 3.88 -25.61 -30.36
C ASP B 140 2.87 -26.72 -30.66
N SER B 141 2.99 -27.31 -31.86
CA SER B 141 2.03 -28.31 -32.29
C SER B 141 2.01 -29.52 -31.38
N GLU B 142 3.13 -29.81 -30.69
CA GLU B 142 3.20 -31.00 -29.85
C GLU B 142 2.80 -30.74 -28.40
N GLY B 143 2.76 -29.48 -27.97
CA GLY B 143 2.35 -29.14 -26.62
C GLY B 143 3.42 -28.53 -25.73
N HIS B 144 4.62 -28.27 -26.24
CA HIS B 144 5.68 -27.67 -25.45
C HIS B 144 5.57 -26.15 -25.53
N ILE B 145 6.62 -25.44 -25.10
CA ILE B 145 6.59 -23.98 -25.09
C ILE B 145 7.84 -23.45 -25.77
N LYS B 146 7.77 -22.17 -26.16
CA LYS B 146 8.89 -21.43 -26.72
C LYS B 146 8.70 -19.97 -26.33
N LEU B 147 9.80 -19.29 -26.04
CA LEU B 147 9.77 -17.90 -25.60
C LEU B 147 10.16 -16.98 -26.76
N THR B 148 9.38 -15.93 -26.96
CA THR B 148 9.61 -14.98 -28.04
C THR B 148 9.61 -13.56 -27.47
N ASP B 149 9.84 -12.60 -28.36
CA ASP B 149 9.83 -11.18 -28.02
C ASP B 149 10.93 -10.87 -27.01
N TYR B 150 12.13 -10.63 -27.50
CA TYR B 150 13.26 -10.22 -26.66
C TYR B 150 13.53 -8.75 -26.89
N GLY B 151 12.59 -7.90 -26.47
CA GLY B 151 12.73 -6.47 -26.67
C GLY B 151 13.29 -5.78 -25.44
N MET B 152 13.01 -6.34 -24.27
CA MET B 152 13.52 -5.83 -23.01
C MET B 152 14.79 -6.55 -22.55
N CYS B 153 15.16 -7.64 -23.21
CA CYS B 153 16.34 -8.42 -22.84
C CYS B 153 17.58 -7.54 -22.67
N LYS B 154 18.32 -7.80 -21.60
CA LYS B 154 19.60 -7.17 -21.35
C LYS B 154 20.72 -8.16 -21.69
N GLU B 155 21.89 -7.62 -22.04
CA GLU B 155 23.00 -8.47 -22.48
C GLU B 155 24.30 -7.93 -21.92
N GLY B 156 25.16 -8.82 -21.46
CA GLY B 156 26.45 -8.47 -20.94
C GLY B 156 26.55 -8.42 -19.42
N LEU B 157 25.83 -9.29 -18.72
CA LEU B 157 25.77 -9.29 -17.25
C LEU B 157 26.88 -10.18 -16.71
N ARG B 158 28.01 -9.57 -16.37
CA ARG B 158 29.05 -10.33 -15.69
C ARG B 158 28.61 -10.63 -14.27
N PRO B 159 29.03 -11.79 -13.71
CA PRO B 159 28.51 -12.24 -12.40
C PRO B 159 28.42 -11.15 -11.33
N GLY B 160 27.22 -10.82 -10.89
CA GLY B 160 27.05 -9.79 -9.89
C GLY B 160 26.72 -8.42 -10.41
N ASP B 161 26.35 -8.29 -11.68
CA ASP B 161 26.01 -7.00 -12.24
C ASP B 161 24.52 -6.72 -12.07
N THR B 162 24.16 -5.44 -12.19
CA THR B 162 22.78 -4.99 -12.05
C THR B 162 22.51 -3.86 -13.03
N THR B 163 21.24 -3.70 -13.40
CA THR B 163 20.80 -2.61 -14.25
C THR B 163 19.68 -1.84 -13.54
N SER B 164 19.31 -0.69 -14.08
CA SER B 164 18.34 0.18 -13.42
C SER B 164 17.18 0.66 -14.29
N PHE B 166 13.53 0.99 -15.92
CA PHE B 166 12.12 0.69 -15.67
C PHE B 166 11.47 0.19 -16.96
N CYS B 167 11.18 -1.10 -17.02
CA CYS B 167 10.62 -1.69 -18.24
C CYS B 167 9.92 -2.99 -17.89
N GLY B 168 9.17 -3.51 -18.84
CA GLY B 168 8.41 -4.73 -18.70
C GLY B 168 6.94 -4.47 -18.97
N THR B 169 6.15 -5.46 -18.68
CA THR B 169 4.70 -5.31 -18.75
C THR B 169 4.18 -4.87 -17.39
N PRO B 170 3.23 -3.91 -17.37
CA PRO B 170 2.79 -3.33 -16.09
C PRO B 170 2.42 -4.35 -15.02
N ASN B 171 1.74 -5.44 -15.40
CA ASN B 171 1.34 -6.43 -14.41
C ASN B 171 2.50 -7.25 -13.88
N TYR B 172 3.60 -7.35 -14.63
CA TYR B 172 4.68 -8.27 -14.31
C TYR B 172 5.92 -7.59 -13.76
N ILE B 173 5.93 -6.26 -13.67
CA ILE B 173 7.11 -5.55 -13.17
C ILE B 173 7.35 -5.91 -11.71
N ALA B 174 8.60 -6.22 -11.38
CA ALA B 174 8.96 -6.58 -10.02
C ALA B 174 8.94 -5.35 -9.11
N PRO B 175 8.71 -5.55 -7.81
CA PRO B 175 8.75 -4.41 -6.87
C PRO B 175 10.09 -3.70 -6.87
N GLU B 176 11.20 -4.41 -7.07
CA GLU B 176 12.51 -3.78 -7.14
C GLU B 176 12.50 -2.65 -8.16
N ILE B 177 11.96 -2.92 -9.35
CA ILE B 177 11.85 -1.88 -10.37
C ILE B 177 10.93 -0.76 -9.89
N LEU B 178 9.82 -1.13 -9.25
CA LEU B 178 8.87 -0.13 -8.76
C LEU B 178 9.49 0.75 -7.68
N ARG B 179 10.45 0.23 -6.93
CA ARG B 179 11.15 1.00 -5.91
C ARG B 179 12.39 1.71 -6.46
N GLY B 180 12.57 1.71 -7.78
CA GLY B 180 13.74 2.35 -8.37
C GLY B 180 15.07 1.78 -7.95
N GLU B 181 15.09 0.53 -7.49
CA GLU B 181 16.33 -0.13 -7.12
C GLU B 181 17.03 -0.67 -8.37
N ASP B 182 18.32 -0.96 -8.21
CA ASP B 182 19.03 -1.74 -9.21
C ASP B 182 18.70 -3.23 -9.02
N TYR B 183 18.66 -3.95 -10.13
CA TYR B 183 18.16 -5.32 -10.11
C TYR B 183 18.94 -6.18 -11.09
N GLY B 184 18.92 -7.49 -10.85
CA GLY B 184 19.50 -8.47 -11.74
C GLY B 184 18.46 -9.42 -12.30
N PHE B 185 18.82 -10.71 -12.40
CA PHE B 185 17.89 -11.73 -12.88
C PHE B 185 16.67 -11.89 -11.97
N SER B 186 16.68 -11.30 -10.77
CA SER B 186 15.57 -11.45 -9.83
C SER B 186 14.23 -11.08 -10.44
N VAL B 187 14.21 -10.23 -11.46
CA VAL B 187 12.95 -9.79 -12.05
C VAL B 187 12.33 -10.86 -12.93
N ASP B 188 13.11 -11.82 -13.41
CA ASP B 188 12.55 -12.87 -14.26
C ASP B 188 11.84 -13.94 -13.44
N TRP B 189 12.32 -14.19 -12.22
CA TRP B 189 11.65 -15.15 -11.36
C TRP B 189 10.42 -14.57 -10.70
N TRP B 190 10.35 -13.25 -10.57
CA TRP B 190 9.11 -12.60 -10.15
C TRP B 190 8.03 -12.76 -11.22
N ALA B 191 8.38 -12.51 -12.48
CA ALA B 191 7.42 -12.66 -13.57
C ALA B 191 6.94 -14.11 -13.68
N LEU B 192 7.86 -15.07 -13.51
CA LEU B 192 7.46 -16.47 -13.48
C LEU B 192 6.49 -16.74 -12.33
N GLY B 193 6.70 -16.07 -11.19
CA GLY B 193 5.74 -16.18 -10.11
C GLY B 193 4.38 -15.64 -10.47
N VAL B 194 4.34 -14.43 -11.04
CA VAL B 194 3.07 -13.86 -11.49
C VAL B 194 2.44 -14.73 -12.56
N LEU B 195 3.28 -15.29 -13.45
CA LEU B 195 2.78 -16.15 -14.51
C LEU B 195 2.15 -17.42 -13.93
N MET B 196 2.87 -18.08 -13.03
CA MET B 196 2.37 -19.31 -12.42
C MET B 196 1.09 -19.04 -11.64
N PHE B 197 0.98 -17.87 -11.00
CA PHE B 197 -0.24 -17.53 -10.29
C PHE B 197 -1.42 -17.41 -11.24
N GLU B 198 -1.18 -16.88 -12.44
CA GLU B 198 -2.27 -16.72 -13.41
C GLU B 198 -2.75 -18.07 -13.92
N MET B 199 -1.83 -19.00 -14.17
CA MET B 199 -2.21 -20.29 -14.72
C MET B 199 -3.10 -21.07 -13.74
N MET B 200 -2.74 -21.07 -12.46
CA MET B 200 -3.40 -21.91 -11.47
C MET B 200 -4.57 -21.24 -10.78
N ALA B 201 -4.46 -19.95 -10.44
CA ALA B 201 -5.58 -19.27 -9.80
C ALA B 201 -6.66 -18.89 -10.79
N GLY B 202 -6.30 -18.63 -12.06
CA GLY B 202 -7.28 -18.20 -13.03
C GLY B 202 -7.46 -16.71 -13.11
N ARG B 203 -6.64 -15.94 -12.40
CA ARG B 203 -6.75 -14.50 -12.33
C ARG B 203 -5.38 -13.93 -11.98
N SER B 204 -5.11 -12.73 -12.49
CA SER B 204 -3.89 -12.04 -12.11
C SER B 204 -3.87 -11.84 -10.60
N PRO B 205 -2.73 -12.03 -9.94
CA PRO B 205 -2.68 -11.87 -8.47
C PRO B 205 -2.87 -10.45 -7.98
N PHE B 206 -3.06 -9.48 -8.87
CA PHE B 206 -3.21 -8.09 -8.44
C PHE B 206 -4.50 -7.45 -8.93
N ASP B 207 -5.31 -8.16 -9.71
CA ASP B 207 -6.57 -7.62 -10.20
C ASP B 207 -7.76 -8.17 -9.41
N THR B 219 -4.97 4.17 -12.38
CA THR B 219 -5.36 2.88 -12.94
C THR B 219 -4.13 2.00 -13.19
N GLU B 220 -3.03 2.58 -13.68
CA GLU B 220 -1.77 1.87 -13.79
C GLU B 220 -0.82 2.20 -12.65
N ASP B 221 -0.82 3.43 -12.16
CA ASP B 221 -0.13 3.70 -10.90
C ASP B 221 -0.92 3.19 -9.71
N TYR B 222 -2.20 2.83 -9.91
CA TYR B 222 -2.93 2.09 -8.89
C TYR B 222 -2.45 0.66 -8.80
N LEU B 223 -2.34 -0.03 -9.95
CA LEU B 223 -1.75 -1.36 -9.99
C LEU B 223 -0.37 -1.37 -9.37
N PHE B 224 0.43 -0.34 -9.65
CA PHE B 224 1.79 -0.28 -9.13
C PHE B 224 1.81 -0.27 -7.61
N GLN B 225 0.85 0.43 -6.99
CA GLN B 225 0.77 0.44 -5.53
C GLN B 225 0.27 -0.90 -5.00
N VAL B 226 -0.72 -1.50 -5.68
CA VAL B 226 -1.19 -2.83 -5.30
C VAL B 226 -0.03 -3.81 -5.28
N ILE B 227 0.72 -3.89 -6.38
CA ILE B 227 1.91 -4.74 -6.46
C ILE B 227 2.86 -4.48 -5.31
N LEU B 228 2.85 -3.27 -4.76
CA LEU B 228 3.77 -2.86 -3.71
C LEU B 228 3.19 -2.99 -2.30
N GLU B 229 1.90 -2.68 -2.11
CA GLU B 229 1.33 -2.63 -0.77
C GLU B 229 0.46 -3.83 -0.43
N LYS B 230 -0.15 -4.48 -1.40
CA LYS B 230 -1.03 -5.59 -1.11
C LYS B 230 -0.25 -6.87 -0.86
N GLN B 231 -0.87 -7.78 -0.12
CA GLN B 231 -0.28 -9.08 0.19
C GLN B 231 -0.91 -10.09 -0.77
N ILE B 232 -0.08 -10.94 -1.37
CA ILE B 232 -0.59 -11.94 -2.30
C ILE B 232 -1.36 -12.99 -1.49
N ARG B 233 -2.63 -13.16 -1.83
CA ARG B 233 -3.54 -14.06 -1.13
C ARG B 233 -3.79 -15.27 -2.01
N ILE B 234 -3.15 -16.39 -1.67
CA ILE B 234 -3.34 -17.63 -2.44
C ILE B 234 -4.71 -18.20 -2.13
N PRO B 235 -5.50 -18.58 -3.12
CA PRO B 235 -6.82 -19.18 -2.83
C PRO B 235 -6.67 -20.52 -2.14
N ARG B 236 -7.68 -20.87 -1.35
CA ARG B 236 -7.62 -22.08 -0.54
C ARG B 236 -7.69 -23.35 -1.37
N SER B 237 -8.05 -23.27 -2.65
CA SER B 237 -8.14 -24.45 -3.49
C SER B 237 -6.78 -24.94 -3.99
N LEU B 238 -5.73 -24.16 -3.82
CA LEU B 238 -4.40 -24.54 -4.27
C LEU B 238 -3.68 -25.40 -3.24
N SER B 239 -2.73 -26.18 -3.72
CA SER B 239 -1.98 -27.10 -2.88
C SER B 239 -1.03 -26.33 -1.97
N VAL B 240 -0.41 -27.07 -1.04
CA VAL B 240 0.60 -26.47 -0.18
C VAL B 240 1.88 -26.21 -0.97
N LYS B 241 2.17 -27.05 -1.97
CA LYS B 241 3.35 -26.83 -2.81
C LYS B 241 3.14 -25.66 -3.74
N ALA B 242 1.93 -25.53 -4.30
CA ALA B 242 1.62 -24.38 -5.14
C ALA B 242 1.67 -23.09 -4.33
N ALA B 243 1.07 -23.10 -3.14
CA ALA B 243 1.11 -21.92 -2.28
C ALA B 243 2.55 -21.51 -1.98
N SER B 244 3.38 -22.47 -1.59
CA SER B 244 4.77 -22.15 -1.24
C SER B 244 5.58 -21.71 -2.45
N VAL B 245 5.27 -22.23 -3.65
CA VAL B 245 6.03 -21.85 -4.82
C VAL B 245 5.62 -20.45 -5.30
N LEU B 246 4.40 -20.01 -5.00
CA LEU B 246 4.01 -18.64 -5.33
C LEU B 246 4.54 -17.66 -4.31
N LYS B 247 4.44 -17.99 -3.01
CA LYS B 247 4.96 -17.10 -1.98
C LYS B 247 6.46 -16.96 -2.06
N SER B 248 7.16 -17.98 -2.57
CA SER B 248 8.61 -17.91 -2.70
C SER B 248 9.03 -17.20 -3.98
N PHE B 249 8.17 -17.19 -5.00
CA PHE B 249 8.45 -16.45 -6.23
C PHE B 249 7.92 -15.02 -6.19
N LEU B 250 6.81 -14.80 -5.49
CA LEU B 250 6.24 -13.47 -5.33
C LEU B 250 6.70 -12.79 -4.05
N ASN B 251 7.86 -13.18 -3.52
CA ASN B 251 8.42 -12.50 -2.35
C ASN B 251 8.89 -11.12 -2.75
N LYS B 252 8.47 -10.10 -2.01
CA LYS B 252 8.76 -8.73 -2.39
C LYS B 252 10.25 -8.40 -2.26
N ASP B 253 11.00 -9.19 -1.50
CA ASP B 253 12.42 -8.94 -1.27
C ASP B 253 13.25 -9.75 -2.27
N PRO B 254 13.95 -9.11 -3.20
CA PRO B 254 14.75 -9.89 -4.17
C PRO B 254 15.81 -10.76 -3.51
N LYS B 255 16.31 -10.38 -2.34
CA LYS B 255 17.32 -11.19 -1.66
C LYS B 255 16.72 -12.43 -1.02
N GLU B 256 15.40 -12.46 -0.82
CA GLU B 256 14.72 -13.57 -0.18
C GLU B 256 13.89 -14.40 -1.15
N ARG B 257 13.87 -14.03 -2.43
CA ARG B 257 13.02 -14.68 -3.42
C ARG B 257 13.62 -16.01 -3.87
N LEU B 258 12.75 -16.89 -4.36
CA LEU B 258 13.15 -18.20 -4.86
C LEU B 258 13.80 -18.05 -6.23
N GLY B 259 14.95 -18.69 -6.39
CA GLY B 259 15.69 -18.57 -7.63
C GLY B 259 16.71 -17.45 -7.65
N CYS B 260 16.65 -16.56 -6.66
CA CYS B 260 17.53 -15.41 -6.57
C CYS B 260 18.65 -15.68 -5.57
N HIS B 261 19.14 -16.92 -5.49
CA HIS B 261 20.15 -17.29 -4.52
C HIS B 261 21.46 -17.40 -5.27
N PRO B 262 22.35 -16.41 -5.16
CA PRO B 262 23.61 -16.43 -5.91
C PRO B 262 24.41 -17.74 -5.83
N GLN B 263 24.84 -18.19 -7.01
CA GLN B 263 25.31 -19.55 -7.30
C GLN B 263 24.29 -20.66 -7.15
N THR B 264 23.48 -20.66 -6.10
CA THR B 264 22.56 -21.76 -5.87
C THR B 264 21.14 -21.45 -6.35
N GLY B 265 21.00 -20.45 -7.22
CA GLY B 265 19.71 -20.00 -7.72
C GLY B 265 18.84 -21.05 -8.37
N PHE B 266 19.25 -21.50 -9.56
CA PHE B 266 18.44 -22.48 -10.30
C PHE B 266 18.29 -23.77 -9.52
N ALA B 267 19.36 -24.21 -8.85
CA ALA B 267 19.27 -25.42 -8.03
C ALA B 267 18.16 -25.32 -7.00
N ASP B 268 17.96 -24.13 -6.43
CA ASP B 268 16.87 -23.93 -5.48
C ASP B 268 15.53 -24.14 -6.14
N ILE B 269 15.38 -23.70 -7.39
CA ILE B 269 14.12 -23.84 -8.11
C ILE B 269 13.86 -25.31 -8.45
N GLN B 270 14.91 -26.08 -8.69
CA GLN B 270 14.75 -27.50 -9.00
C GLN B 270 14.49 -28.33 -7.75
N GLY B 271 14.88 -27.84 -6.57
CA GLY B 271 14.69 -28.55 -5.33
C GLY B 271 13.41 -28.24 -4.58
N HIS B 272 12.64 -27.25 -5.04
CA HIS B 272 11.43 -26.86 -4.33
C HIS B 272 10.40 -27.98 -4.41
N PRO B 273 9.61 -28.19 -3.35
CA PRO B 273 8.62 -29.28 -3.37
C PRO B 273 7.74 -29.32 -4.61
N PHE B 274 7.35 -28.16 -5.13
CA PHE B 274 6.53 -28.13 -6.33
C PHE B 274 7.27 -28.72 -7.52
N PHE B 275 8.56 -28.40 -7.66
CA PHE B 275 9.39 -28.86 -8.76
C PHE B 275 10.25 -30.06 -8.38
N ARG B 276 9.75 -30.93 -7.50
CA ARG B 276 10.46 -32.16 -7.17
C ARG B 276 9.98 -33.37 -7.95
N ASN B 277 8.78 -33.33 -8.50
CA ASN B 277 8.25 -34.43 -9.29
C ASN B 277 8.63 -34.32 -10.76
N VAL B 278 9.43 -33.32 -11.12
CA VAL B 278 9.86 -33.07 -12.50
C VAL B 278 11.26 -33.61 -12.71
N ASP B 279 11.46 -34.28 -13.85
CA ASP B 279 12.77 -34.78 -14.28
C ASP B 279 13.30 -33.72 -15.24
N TRP B 280 14.31 -32.98 -14.81
CA TRP B 280 14.79 -31.84 -15.59
C TRP B 280 15.69 -32.23 -16.74
N ASP B 281 16.39 -33.36 -16.66
CA ASP B 281 17.25 -33.74 -17.78
C ASP B 281 16.46 -34.34 -18.93
N MET B 282 15.35 -35.00 -18.64
CA MET B 282 14.46 -35.49 -19.69
C MET B 282 13.57 -34.37 -20.23
N MET B 283 13.17 -33.44 -19.36
CA MET B 283 12.42 -32.27 -19.81
C MET B 283 13.25 -31.41 -20.75
N GLU B 284 14.54 -31.24 -20.44
CA GLU B 284 15.42 -30.45 -21.30
C GLU B 284 15.57 -31.07 -22.68
N GLN B 285 15.45 -32.40 -22.78
CA GLN B 285 15.59 -33.09 -24.05
C GLN B 285 14.25 -33.35 -24.72
N LYS B 286 13.19 -32.67 -24.27
CA LYS B 286 11.84 -32.83 -24.83
C LYS B 286 11.41 -34.29 -24.79
N GLN B 287 11.66 -34.94 -23.65
CA GLN B 287 11.27 -36.33 -23.44
C GLN B 287 10.07 -36.47 -22.52
N VAL B 288 9.65 -35.41 -21.86
CA VAL B 288 8.46 -35.46 -21.03
C VAL B 288 7.24 -35.26 -21.91
N VAL B 289 6.17 -35.98 -21.61
CA VAL B 289 4.96 -35.95 -22.44
C VAL B 289 4.11 -34.77 -22.02
N PRO B 290 3.81 -33.83 -22.92
CA PRO B 290 2.97 -32.69 -22.53
C PRO B 290 1.64 -33.19 -21.98
N PRO B 291 1.05 -32.45 -21.05
CA PRO B 291 -0.28 -32.86 -20.55
C PRO B 291 -1.40 -32.45 -21.49
N PHE B 292 -1.17 -31.47 -22.34
CA PHE B 292 -2.18 -30.95 -23.25
C PHE B 292 -1.57 -30.76 -24.64
N LYS B 293 -2.23 -31.31 -25.65
CA LYS B 293 -1.77 -31.20 -27.03
C LYS B 293 -2.71 -30.29 -27.80
N PRO B 294 -2.22 -29.14 -28.31
CA PRO B 294 -3.10 -28.18 -28.98
C PRO B 294 -3.86 -28.79 -30.14
N ASN B 295 -5.08 -28.30 -30.34
CA ASN B 295 -5.94 -28.76 -31.44
C ASN B 295 -5.72 -27.84 -32.63
N ILE B 296 -4.75 -28.19 -33.47
CA ILE B 296 -4.40 -27.40 -34.65
C ILE B 296 -5.57 -27.46 -35.62
N SER B 297 -6.40 -26.42 -35.62
CA SER B 297 -7.57 -26.32 -36.47
C SER B 297 -7.42 -25.14 -37.42
N GLY B 298 -7.91 -25.29 -38.63
CA GLY B 298 -7.84 -24.24 -39.62
C GLY B 298 -6.52 -24.23 -40.37
N GLU B 299 -6.42 -23.30 -41.32
CA GLU B 299 -5.22 -23.18 -42.13
C GLU B 299 -4.03 -22.79 -41.26
N PHE B 300 -2.94 -23.55 -41.37
CA PHE B 300 -1.70 -23.30 -40.64
C PHE B 300 -1.91 -23.27 -39.12
N GLY B 301 -3.03 -23.79 -38.64
CA GLY B 301 -3.35 -23.70 -37.23
C GLY B 301 -3.74 -22.30 -36.80
N LEU B 302 -4.43 -21.56 -37.66
CA LEU B 302 -4.76 -20.18 -37.37
C LEU B 302 -5.97 -20.02 -36.45
N ASP B 303 -6.74 -21.09 -36.23
CA ASP B 303 -7.81 -21.02 -35.26
C ASP B 303 -7.29 -21.02 -33.82
N ASN B 304 -5.97 -21.06 -33.65
CA ASN B 304 -5.31 -20.94 -32.36
C ASN B 304 -4.82 -19.52 -32.12
N PHE B 305 -5.18 -18.58 -32.98
CA PHE B 305 -4.81 -17.19 -32.85
C PHE B 305 -6.07 -16.33 -32.81
N ASP B 306 -5.95 -15.17 -32.16
CA ASP B 306 -7.11 -14.30 -31.99
C ASP B 306 -7.62 -13.82 -33.34
N SER B 307 -8.93 -13.64 -33.43
CA SER B 307 -9.56 -13.19 -34.66
C SER B 307 -9.47 -11.68 -34.86
N GLN B 308 -8.95 -10.95 -33.87
CA GLN B 308 -8.73 -9.52 -34.04
C GLN B 308 -7.55 -9.23 -34.96
N PHE B 309 -6.67 -10.20 -35.16
CA PHE B 309 -5.52 -10.05 -36.03
C PHE B 309 -5.65 -10.81 -37.34
N THR B 310 -6.24 -12.01 -37.31
CA THR B 310 -6.41 -12.81 -38.51
C THR B 310 -7.52 -12.30 -39.41
N ASN B 311 -8.23 -11.25 -38.99
CA ASN B 311 -9.24 -10.60 -39.82
C ASN B 311 -8.78 -9.25 -40.36
N GLU B 312 -7.64 -8.74 -39.90
CA GLU B 312 -7.04 -7.57 -40.51
C GLU B 312 -6.63 -7.90 -41.94
N PRO B 313 -6.70 -6.93 -42.86
CA PRO B 313 -6.23 -7.18 -44.22
C PRO B 313 -4.77 -7.58 -44.22
N VAL B 314 -4.44 -8.63 -44.96
CA VAL B 314 -3.08 -9.14 -44.99
C VAL B 314 -2.23 -8.28 -45.92
N GLN B 315 -1.57 -7.29 -45.35
CA GLN B 315 -0.76 -6.35 -46.12
C GLN B 315 0.15 -5.61 -45.16
N LEU B 316 1.03 -4.80 -45.73
CA LEU B 316 1.90 -3.94 -44.95
C LEU B 316 1.42 -2.51 -45.12
N PRO B 318 1.18 1.31 -45.82
CA PRO B 318 1.88 2.22 -46.73
C PRO B 318 2.77 3.22 -45.99
N ASP B 319 3.79 3.73 -46.68
CA ASP B 319 4.78 4.58 -46.06
C ASP B 319 4.41 6.05 -46.26
N ASP B 320 5.01 6.90 -45.44
CA ASP B 320 4.82 8.34 -45.49
C ASP B 320 6.19 8.97 -45.76
N ASP B 321 6.43 9.31 -47.03
CA ASP B 321 7.72 9.86 -47.44
C ASP B 321 8.12 11.07 -46.61
N ASP B 322 7.17 11.74 -45.96
CA ASP B 322 7.49 12.83 -45.07
C ASP B 322 7.93 12.32 -43.70
N ILE B 323 7.39 11.20 -43.26
CA ILE B 323 7.77 10.60 -41.99
C ILE B 323 9.00 9.70 -42.13
N VAL B 324 9.11 8.98 -43.25
CA VAL B 324 10.22 8.04 -43.44
C VAL B 324 11.50 8.73 -43.87
N ARG B 325 11.45 10.03 -44.17
CA ARG B 325 12.63 10.77 -44.57
C ARG B 325 13.39 11.34 -43.38
N LYS B 326 12.90 11.09 -42.17
CA LYS B 326 13.55 11.53 -40.95
C LYS B 326 14.38 10.44 -40.29
N ILE B 327 14.23 9.19 -40.72
CA ILE B 327 14.88 8.07 -40.07
C ILE B 327 16.39 8.18 -40.27
N ASP B 328 17.14 8.03 -39.18
CA ASP B 328 18.59 8.04 -39.22
C ASP B 328 19.03 6.64 -39.60
N GLN B 329 19.25 6.42 -40.90
CA GLN B 329 19.61 5.09 -41.37
C GLN B 329 21.05 4.71 -41.04
N SER B 330 21.79 5.59 -40.37
CA SER B 330 23.14 5.28 -39.91
C SER B 330 23.14 4.67 -38.51
N GLU B 331 22.04 4.02 -38.14
CA GLU B 331 21.92 3.33 -36.88
C GLU B 331 21.56 1.86 -37.02
N PHE B 332 21.16 1.40 -38.21
CA PHE B 332 20.82 0.00 -38.41
C PHE B 332 21.83 -0.67 -39.33
N GLU B 333 23.06 -0.15 -39.35
CA GLU B 333 24.10 -0.64 -40.25
C GLU B 333 24.39 -2.11 -40.00
N GLY B 334 24.28 -2.93 -41.06
CA GLY B 334 24.51 -4.35 -40.92
C GLY B 334 23.42 -5.15 -40.25
N PHE B 335 22.15 -4.79 -40.45
CA PHE B 335 21.06 -5.54 -39.83
C PHE B 335 20.86 -6.87 -40.54
N GLU B 336 21.27 -6.95 -41.81
CA GLU B 336 21.12 -8.14 -42.62
C GLU B 336 21.83 -9.35 -42.01
N TYR B 337 21.10 -10.45 -41.90
CA TYR B 337 21.60 -11.66 -41.27
C TYR B 337 20.81 -12.85 -41.78
N ILE B 338 21.49 -13.98 -41.96
CA ILE B 338 20.87 -15.24 -42.34
C ILE B 338 21.48 -16.34 -41.49
N ASN B 339 20.65 -17.01 -40.70
CA ASN B 339 21.15 -18.05 -39.79
C ASN B 339 21.77 -19.20 -40.57
N PRO B 340 23.05 -19.58 -40.26
CA PRO B 340 23.67 -20.78 -40.88
C PRO B 340 23.45 -22.00 -39.99
N LEU B 341 22.21 -22.50 -39.99
CA LEU B 341 21.81 -23.64 -39.15
C LEU B 341 22.74 -24.85 -39.29
N ARG C 2 -30.00 21.58 20.56
CA ARG C 2 -30.03 20.19 21.00
C ARG C 2 -29.84 20.08 22.51
N MET C 3 -30.21 18.94 23.07
CA MET C 3 -30.07 18.67 24.50
C MET C 3 -29.52 17.26 24.66
N ARG C 4 -28.37 17.14 25.31
CA ARG C 4 -27.63 15.89 25.38
C ARG C 4 -27.03 15.73 26.77
N PRO C 5 -26.64 14.50 27.16
CA PRO C 5 -26.00 14.29 28.47
C PRO C 5 -24.62 14.91 28.55
N PHE C 6 -23.77 14.60 27.57
CA PHE C 6 -22.44 15.16 27.47
C PHE C 6 -22.39 16.11 26.29
N LYS C 7 -21.83 17.31 26.51
CA LYS C 7 -21.80 18.35 25.49
C LYS C 7 -20.39 18.52 24.95
N ARG C 8 -20.29 18.71 23.64
CA ARG C 8 -19.00 18.92 22.99
C ARG C 8 -18.39 20.24 23.42
N GLN C 9 -17.19 20.19 23.99
CA GLN C 9 -16.49 21.39 24.45
C GLN C 9 -15.23 21.60 23.63
N GLY C 10 -15.03 22.82 23.18
CA GLY C 10 -13.82 23.17 22.46
C GLY C 10 -12.70 23.58 23.41
N SER C 11 -11.48 23.25 23.02
CA SER C 11 -10.32 23.57 23.84
C SER C 11 -10.03 25.07 23.78
N VAL C 12 -9.47 25.59 24.88
CA VAL C 12 -9.15 27.00 25.00
C VAL C 12 -7.66 27.13 25.26
N ARG C 13 -7.07 28.24 24.81
CA ARG C 13 -5.65 28.50 24.99
C ARG C 13 -5.45 30.00 25.09
N ARG C 14 -4.84 30.45 26.19
CA ARG C 14 -4.65 31.88 26.42
C ARG C 14 -3.50 32.14 27.39
N PRO D 5 -11.67 -11.93 -18.67
CA PRO D 5 -10.68 -12.96 -18.35
C PRO D 5 -9.27 -12.38 -18.19
N PHE D 6 -8.37 -12.77 -19.09
CA PHE D 6 -7.03 -12.21 -19.15
C PHE D 6 -6.97 -11.30 -20.37
N LYS D 7 -6.59 -10.04 -20.15
CA LYS D 7 -6.55 -9.05 -21.21
C LYS D 7 -5.12 -8.86 -21.70
N ARG D 8 -4.96 -8.77 -23.02
CA ARG D 8 -3.63 -8.57 -23.61
C ARG D 8 -3.08 -7.21 -23.22
N GLN D 9 -1.85 -7.21 -22.71
CA GLN D 9 -1.19 -5.99 -22.25
C GLN D 9 0.02 -5.69 -23.13
N GLY D 10 0.38 -4.42 -23.19
CA GLY D 10 1.52 -3.96 -23.98
C GLY D 10 2.68 -3.58 -23.07
N SER D 11 3.89 -3.88 -23.52
CA SER D 11 5.08 -3.60 -22.73
C SER D 11 5.34 -2.09 -22.67
N VAL D 12 6.08 -1.69 -21.64
CA VAL D 12 6.38 -0.29 -21.38
C VAL D 12 7.88 -0.16 -21.14
N ARG D 13 8.44 0.98 -21.52
CA ARG D 13 9.85 1.27 -21.32
C ARG D 13 10.01 2.73 -20.92
N ARG D 14 10.89 2.99 -19.96
CA ARG D 14 11.11 4.35 -19.47
C ARG D 14 12.54 4.54 -18.98
#